data_8GZ3
#
_entry.id   8GZ3
#
_cell.length_a   1.00
_cell.length_b   1.00
_cell.length_c   1.00
_cell.angle_alpha   90.00
_cell.angle_beta   90.00
_cell.angle_gamma   90.00
#
_symmetry.space_group_name_H-M   'P 1'
#
loop_
_entity.id
_entity.type
_entity.pdbx_description
1 polymer 'Cytochrome b-245 light chain'
2 polymer 'Cytochrome b-245 heavy chain'
3 polymer '7D5 Fab light chain'
4 polymer '7D5 Fab heavy chain'
5 polymer 'Green Fluorescent Protein, Anti-Fab (kappa) nanobody[TP1170] chimera'
6 branched beta-D-mannopyranose-(1-4)-2-acetamido-2-deoxy-beta-D-glucopyranose-(1-4)-2-acetamido-2-deoxy-beta-D-glucopyranose
7 non-polymer 'FLAVIN-ADENINE DINUCLEOTIDE'
8 non-polymer 'PROTOPORPHYRIN IX CONTAINING FE'
9 non-polymer 2-acetamido-2-deoxy-beta-D-glucopyranose
10 non-polymer 1-palmitoyl-2-oleoyl-sn-glycero-3-phosphocholine
11 water water
#
loop_
_entity_poly.entity_id
_entity_poly.type
_entity_poly.pdbx_seq_one_letter_code
_entity_poly.pdbx_strand_id
1 'polypeptide(L)'
;MGQIEWAMWANEQALASGLILITGGIVATAGRFTQWYFGAYSIVAGVFVCLLEYPRGKRKKGSTMERWGQKYMTAVVKLF
GPFTRNYYVRAVLHLLLSVPAGFLLATILGTACLAIASGIYLLAAVRGEQWTPIEPKPRERPQIGGTIKQPPSNPPPRPP
AEARKKPSEEEAAAAAGGPPGGPQVNPIPVTDEVV
;
A
2 'polypeptide(L)'
;MGNWAVNEGLSIFVILVWLGLNVFLFVWYYRVYDIPPKFFYTRKLLGSALALARAPAACLNFNCMLILLPVCRNLLSFLR
GSSACCSTRVRRQLDRNLTFHKMVAWMIALHSAIHTIAHLFNVEWCVNARVNNSDPYSVALSELGDRQNESYLNFARKRI
KNPEGGLYLAVTLLAGITGVVITLCLILIITSSTKTIRRSYFEVFWYTHHLFVIFFIGLAIHGAERIVRGQTAESLAVHN
ITVCEQKISEWGKIKECPIPQFAGNPPMTWKWIVGPMFLYLCERLVRFWRSQQKVVITKVVTHPFKTIELQMKKKGFKME
VGQYIFVKCPKVSKLEWHPFTLTSAPEEDFFSIHIRIVGDWTEGLFNACGCDKQEFQDAWKLPKIAVDGPFGTASEDVFS
YEVVMLVGAGIGVTPFASILKSVWYKYCNNATNLKLKKIYFYWLCRDTHAFEWFADLLQLLESQMQERNNAGFLSYNIYL
TGWDESQANHFAVHHDEEKDVITGLKQKTLYGRPNWDNEFKTIASQHPNTRIGVFLCGPEALAETLSKQSISNSESGPRG
VHFIFNKENF
;
B
3 'polypeptide(L)'
;(UNK)(UNK)(UNK)(UNK)(UNK)(UNK)(UNK)(UNK)(UNK)(UNK)(UNK)(UNK)(UNK)(UNK)(UNK)(UNK)
(UNK)(UNK)(UNK)(UNK)(UNK)(UNK)(UNK)(UNK)(UNK)(UNK)(UNK)(UNK)(UNK)(UNK)(UNK)(UNK)
(UNK)(UNK)(UNK)(UNK)(UNK)(UNK)(UNK)(UNK)(UNK)(UNK)(UNK)(UNK)(UNK)(UNK)(UNK)(UNK)
(UNK)(UNK)(UNK)(UNK)(UNK)(UNK)(UNK)(UNK)(UNK)(UNK)(UNK)(UNK)(UNK)(UNK)(UNK)(UNK)
(UNK)(UNK)(UNK)(UNK)(UNK)(UNK)(UNK)(UNK)(UNK)(UNK)(UNK)(UNK)(UNK)(UNK)(UNK)(UNK)
(UNK)(UNK)(UNK)(UNK)(UNK)(UNK)(UNK)(UNK)(UNK)(UNK)(UNK)(UNK)(UNK)(UNK)(UNK)(UNK)
(UNK)(UNK)(UNK)(UNK)(UNK)(UNK)(UNK)(UNK)(UNK)(UNK)(UNK)(UNK)(UNK)(UNK)(UNK)(UNK)
(UNK)(UNK)(UNK)(UNK)(UNK)(UNK)(UNK)(UNK)(UNK)(UNK)(UNK)(UNK)(UNK)(UNK)(UNK)(UNK)
(UNK)(UNK)(UNK)(UNK)(UNK)(UNK)(UNK)(UNK)(UNK)(UNK)(UNK)(UNK)(UNK)(UNK)(UNK)(UNK)
(UNK)(UNK)(UNK)(UNK)(UNK)(UNK)(UNK)(UNK)(UNK)(UNK)(UNK)(UNK)(UNK)(UNK)(UNK)(UNK)
(UNK)(UNK)(UNK)(UNK)(UNK)(UNK)(UNK)(UNK)(UNK)(UNK)(UNK)(UNK)(UNK)(UNK)(UNK)(UNK)
(UNK)(UNK)(UNK)(UNK)(UNK)(UNK)(UNK)(UNK)(UNK)(UNK)(UNK)(UNK)(UNK)(UNK)(UNK)(UNK)
(UNK)(UNK)(UNK)(UNK)(UNK)(UNK)(UNK)(UNK)(UNK)(UNK)(UNK)(UNK)(UNK)(UNK)(UNK)(UNK)
(UNK)(UNK)(UNK)
;
L
4 'polypeptide(L)'
;(UNK)(UNK)(UNK)(UNK)(UNK)(UNK)(UNK)(UNK)(UNK)(UNK)(UNK)(UNK)(UNK)(UNK)(UNK)(UNK)
(UNK)(UNK)(UNK)(UNK)(UNK)(UNK)(UNK)(UNK)(UNK)(UNK)(UNK)(UNK)(UNK)(UNK)(UNK)(UNK)
(UNK)(UNK)(UNK)(UNK)(UNK)(UNK)(UNK)(UNK)(UNK)(UNK)(UNK)(UNK)(UNK)(UNK)(UNK)(UNK)
(UNK)(UNK)(UNK)(UNK)(UNK)(UNK)(UNK)(UNK)(UNK)(UNK)(UNK)(UNK)(UNK)(UNK)(UNK)(UNK)
(UNK)(UNK)(UNK)(UNK)(UNK)(UNK)(UNK)(UNK)(UNK)(UNK)(UNK)(UNK)(UNK)(UNK)(UNK)(UNK)
(UNK)(UNK)(UNK)(UNK)(UNK)(UNK)(UNK)(UNK)(UNK)(UNK)(UNK)(UNK)(UNK)(UNK)(UNK)(UNK)
(UNK)(UNK)(UNK)(UNK)(UNK)(UNK)(UNK)(UNK)(UNK)(UNK)(UNK)(UNK)(UNK)(UNK)(UNK)(UNK)
(UNK)(UNK)(UNK)(UNK)(UNK)(UNK)(UNK)(UNK)(UNK)(UNK)(UNK)(UNK)(UNK)(UNK)(UNK)(UNK)
(UNK)(UNK)(UNK)(UNK)(UNK)(UNK)(UNK)(UNK)(UNK)(UNK)(UNK)(UNK)(UNK)(UNK)(UNK)(UNK)
(UNK)(UNK)(UNK)(UNK)(UNK)(UNK)(UNK)(UNK)(UNK)(UNK)(UNK)(UNK)(UNK)(UNK)(UNK)(UNK)
(UNK)(UNK)(UNK)(UNK)(UNK)(UNK)(UNK)(UNK)(UNK)(UNK)(UNK)(UNK)(UNK)(UNK)(UNK)(UNK)
(UNK)(UNK)(UNK)(UNK)(UNK)(UNK)(UNK)(UNK)(UNK)(UNK)(UNK)(UNK)(UNK)(UNK)(UNK)(UNK)
(UNK)(UNK)(UNK)(UNK)(UNK)(UNK)(UNK)(UNK)(UNK)(UNK)(UNK)(UNK)(UNK)(UNK)(UNK)(UNK)
(UNK)(UNK)(UNK)(UNK)(UNK)(UNK)(UNK)
;
H
5 'polypeptide(L)'
;MSKGEELFTGVVPILVELDGDVNGHKFSVRGEGEGDATIGKLTLKFICTTGKLPVPWPTLVTTLTYGVQCFSRYPDHMKR
HDFFKSAMPEGYVQERTISFKDDGKYKTRAVVKFEGDTLVNRIELKGTDFKEDGNILGHKLEYNFNSHNVYITADKQKNG
IKANFTVRHNVEDGSVQLADHYQQNTPIGDGPVLLPDNHYLSTQTKLSKDPNEKRDHMVLHEYVNAAGITHHHHHHHHSS
GLVPRGSGWSHPQFEKGSGDYKDDDDKGSGWSHPQFEKLEVLFQGPEFQVQLVESGGGWVQPGGSLRLSCAASGFTFSDT
AMMWVRQAPGKGREWVAAIDTGGGYTYYADSVKGRFTISRDNAKNTLYLQMNSLKPEDTARYYCAKTYSGNYYSNYTVAN
YGTTGRGTLVTVSS
;
N
#
# COMPACT_ATOMS: atom_id res chain seq x y z
N GLN A 3 -6.09 -11.10 -47.84
CA GLN A 3 -6.68 -10.28 -46.78
C GLN A 3 -5.60 -9.56 -45.99
N ILE A 4 -5.85 -9.40 -44.69
CA ILE A 4 -4.87 -8.71 -43.86
C ILE A 4 -3.69 -9.65 -43.58
N GLU A 5 -2.51 -9.06 -43.47
CA GLU A 5 -1.30 -9.77 -43.04
C GLU A 5 -0.93 -9.33 -41.62
N TRP A 6 -1.39 -10.12 -40.65
CA TRP A 6 -1.11 -9.86 -39.24
C TRP A 6 0.39 -9.89 -38.91
N ALA A 7 1.21 -10.53 -39.74
CA ALA A 7 2.64 -10.64 -39.48
C ALA A 7 3.31 -9.28 -39.45
N MET A 8 2.84 -8.34 -40.28
CA MET A 8 3.43 -7.01 -40.31
C MET A 8 3.23 -6.28 -38.97
N TRP A 9 1.98 -6.23 -38.51
CA TRP A 9 1.70 -5.58 -37.23
C TRP A 9 2.33 -6.33 -36.07
N ALA A 10 2.39 -7.66 -36.15
CA ALA A 10 3.09 -8.44 -35.13
C ALA A 10 4.57 -8.06 -35.07
N ASN A 11 5.19 -7.87 -36.23
CA ASN A 11 6.59 -7.46 -36.30
C ASN A 11 6.81 -6.09 -35.67
N GLU A 12 5.95 -5.13 -36.05
CA GLU A 12 6.09 -3.78 -35.52
C GLU A 12 5.84 -3.73 -34.01
N GLN A 13 4.93 -4.56 -33.52
CA GLN A 13 4.67 -4.61 -32.09
C GLN A 13 5.82 -5.27 -31.33
N ALA A 14 6.40 -6.34 -31.91
CA ALA A 14 7.45 -7.08 -31.22
C ALA A 14 8.73 -6.26 -31.08
N LEU A 15 9.09 -5.49 -32.13
CA LEU A 15 10.30 -4.68 -32.03
C LEU A 15 10.17 -3.62 -30.93
N ALA A 16 9.01 -2.98 -30.82
CA ALA A 16 8.83 -1.99 -29.76
C ALA A 16 8.76 -2.64 -28.39
N SER A 17 8.18 -3.84 -28.28
CA SER A 17 8.22 -4.56 -27.00
C SER A 17 9.66 -4.85 -26.59
N GLY A 18 10.52 -5.18 -27.56
CA GLY A 18 11.93 -5.37 -27.26
C GLY A 18 12.62 -4.09 -26.81
N LEU A 19 12.30 -2.97 -27.47
CA LEU A 19 12.88 -1.67 -27.07
C LEU A 19 12.46 -1.29 -25.64
N ILE A 20 11.19 -1.50 -25.31
CA ILE A 20 10.70 -1.19 -23.97
C ILE A 20 11.31 -2.14 -22.94
N LEU A 21 11.51 -3.40 -23.32
CA LEU A 21 12.19 -4.34 -22.45
C LEU A 21 13.63 -3.90 -22.18
N ILE A 22 14.31 -3.38 -23.20
CA ILE A 22 15.66 -2.86 -23.02
C ILE A 22 15.65 -1.66 -22.07
N THR A 23 14.67 -0.76 -22.26
CA THR A 23 14.57 0.43 -21.41
C THR A 23 14.31 0.05 -19.95
N GLY A 24 13.38 -0.88 -19.72
CA GLY A 24 13.08 -1.31 -18.37
C GLY A 24 14.23 -2.07 -17.73
N GLY A 25 14.94 -2.87 -18.51
CA GLY A 25 16.10 -3.56 -17.96
C GLY A 25 17.23 -2.61 -17.62
N ILE A 26 17.49 -1.63 -18.48
CA ILE A 26 18.54 -0.65 -18.22
C ILE A 26 18.19 0.18 -16.99
N VAL A 27 16.92 0.56 -16.85
CA VAL A 27 16.51 1.35 -15.69
C VAL A 27 16.57 0.50 -14.42
N ALA A 28 16.34 -0.81 -14.51
CA ALA A 28 16.48 -1.66 -13.35
C ALA A 28 17.94 -1.85 -12.96
N THR A 29 18.82 -2.02 -13.96
CA THR A 29 20.24 -2.25 -13.68
C THR A 29 20.91 -1.00 -13.12
N ALA A 30 20.67 0.16 -13.76
CA ALA A 30 21.33 1.39 -13.34
C ALA A 30 20.85 1.87 -11.99
N GLY A 31 19.54 1.79 -11.75
CA GLY A 31 18.99 2.22 -10.47
C GLY A 31 19.19 1.25 -9.33
N ARG A 32 19.79 0.08 -9.61
CA ARG A 32 20.02 -0.97 -8.63
C ARG A 32 18.72 -1.37 -7.95
N PHE A 33 17.68 -1.56 -8.76
CA PHE A 33 16.42 -2.08 -8.26
C PHE A 33 16.67 -3.45 -7.64
N THR A 34 16.02 -3.70 -6.51
CA THR A 34 16.16 -5.00 -5.86
C THR A 34 15.61 -6.06 -6.79
N GLN A 35 16.43 -7.12 -7.00
CA GLN A 35 16.34 -8.13 -8.06
C GLN A 35 16.70 -7.56 -9.44
N TRP A 36 17.79 -6.80 -9.55
CA TRP A 36 18.22 -6.22 -10.82
C TRP A 36 18.60 -7.26 -11.88
N TYR A 37 18.81 -8.52 -11.50
CA TYR A 37 19.22 -9.54 -12.49
C TYR A 37 18.10 -9.83 -13.48
N PHE A 38 16.84 -9.70 -13.05
CA PHE A 38 15.73 -9.78 -13.99
C PHE A 38 15.78 -8.66 -15.03
N GLY A 39 16.13 -7.45 -14.60
CA GLY A 39 16.36 -6.37 -15.55
C GLY A 39 17.52 -6.65 -16.49
N ALA A 40 18.59 -7.26 -15.98
CA ALA A 40 19.70 -7.65 -16.83
C ALA A 40 19.26 -8.65 -17.90
N TYR A 41 18.42 -9.61 -17.49
CA TYR A 41 17.79 -10.53 -18.44
C TYR A 41 16.96 -9.75 -19.46
N SER A 42 16.25 -8.72 -19.02
CA SER A 42 15.44 -7.94 -19.95
C SER A 42 16.31 -7.21 -20.96
N ILE A 43 17.48 -6.74 -20.54
CA ILE A 43 18.40 -6.10 -21.47
C ILE A 43 18.82 -7.09 -22.57
N VAL A 44 19.24 -8.29 -22.17
CA VAL A 44 19.70 -9.24 -23.19
C VAL A 44 18.52 -9.76 -24.05
N ALA A 45 17.36 -10.00 -23.42
CA ALA A 45 16.19 -10.50 -24.15
C ALA A 45 15.65 -9.45 -25.12
N GLY A 46 15.64 -8.18 -24.71
CA GLY A 46 15.17 -7.12 -25.58
C GLY A 46 16.10 -6.90 -26.76
N VAL A 47 17.42 -6.97 -26.53
CA VAL A 47 18.36 -6.88 -27.65
C VAL A 47 18.14 -8.02 -28.63
N PHE A 48 17.94 -9.24 -28.11
CA PHE A 48 17.70 -10.38 -29.00
C PHE A 48 16.39 -10.24 -29.77
N VAL A 49 15.33 -9.74 -29.11
CA VAL A 49 14.05 -9.53 -29.78
C VAL A 49 14.19 -8.50 -30.89
N CYS A 50 14.90 -7.40 -30.61
CA CYS A 50 15.09 -6.37 -31.62
C CYS A 50 15.89 -6.89 -32.82
N LEU A 51 16.91 -7.70 -32.57
CA LEU A 51 17.65 -8.29 -33.68
C LEU A 51 16.74 -9.21 -34.51
N LEU A 52 16.06 -10.16 -33.84
CA LEU A 52 15.22 -11.14 -34.54
C LEU A 52 14.06 -10.47 -35.30
N GLU A 53 13.53 -9.36 -34.76
CA GLU A 53 12.37 -8.72 -35.34
C GLU A 53 12.67 -7.48 -36.15
N TYR A 54 13.94 -7.12 -36.32
CA TYR A 54 14.25 -6.03 -37.23
C TYR A 54 13.90 -6.34 -38.69
N PRO A 55 14.33 -7.48 -39.29
CA PRO A 55 13.95 -7.68 -40.70
C PRO A 55 12.50 -8.05 -40.91
N ARG A 56 11.75 -7.12 -41.50
CA ARG A 56 10.40 -7.40 -41.93
C ARG A 56 10.43 -8.35 -43.13
N GLY A 57 9.44 -9.22 -43.22
CA GLY A 57 9.37 -10.21 -44.26
C GLY A 57 8.74 -9.69 -45.54
N LYS A 58 8.70 -10.56 -46.55
CA LYS A 58 8.09 -10.25 -47.83
C LYS A 58 6.62 -10.65 -47.81
N ARG A 59 5.78 -9.77 -48.35
CA ARG A 59 4.34 -10.01 -48.38
C ARG A 59 4.00 -11.08 -49.41
N LYS A 60 2.79 -11.62 -49.26
CA LYS A 60 2.26 -12.52 -50.28
C LYS A 60 1.96 -11.76 -51.57
N LYS A 61 1.56 -10.50 -51.48
CA LYS A 61 1.26 -9.69 -52.64
C LYS A 61 1.80 -8.27 -52.44
N GLY A 62 2.21 -7.65 -53.54
CA GLY A 62 2.66 -6.27 -53.50
C GLY A 62 4.14 -6.12 -53.23
N SER A 63 4.54 -4.87 -53.06
CA SER A 63 5.93 -4.50 -52.81
C SER A 63 6.04 -3.97 -51.38
N THR A 64 6.98 -4.54 -50.62
CA THR A 64 7.13 -4.22 -49.21
C THR A 64 8.20 -3.14 -49.00
N MET A 65 8.08 -2.46 -47.87
CA MET A 65 9.12 -1.54 -47.43
C MET A 65 10.11 -2.27 -46.53
N GLU A 66 11.37 -1.83 -46.59
CA GLU A 66 12.43 -2.40 -45.77
C GLU A 66 12.96 -1.36 -44.80
N ARG A 67 13.22 -1.79 -43.57
CA ARG A 67 13.84 -0.92 -42.59
C ARG A 67 15.28 -0.61 -43.00
N TRP A 68 15.79 0.51 -42.49
CA TRP A 68 17.15 0.92 -42.83
C TRP A 68 18.17 -0.09 -42.30
N GLY A 69 19.09 -0.47 -43.17
CA GLY A 69 20.10 -1.46 -42.84
C GLY A 69 19.53 -2.82 -42.49
N GLN A 70 18.48 -3.24 -43.18
CA GLN A 70 17.85 -4.53 -42.93
C GLN A 70 18.52 -5.68 -43.70
N LYS A 71 19.31 -5.38 -44.75
CA LYS A 71 19.92 -6.43 -45.56
C LYS A 71 20.86 -7.32 -44.73
N TYR A 72 21.67 -6.68 -43.88
CA TYR A 72 22.56 -7.40 -42.97
C TYR A 72 21.78 -8.29 -42.01
N MET A 73 20.68 -7.78 -41.44
CA MET A 73 19.91 -8.56 -40.50
C MET A 73 19.20 -9.72 -41.19
N THR A 74 18.74 -9.50 -42.42
CA THR A 74 18.03 -10.51 -43.19
C THR A 74 18.93 -11.71 -43.45
N ALA A 75 20.22 -11.46 -43.75
CA ALA A 75 21.14 -12.58 -43.97
C ALA A 75 21.25 -13.48 -42.73
N VAL A 76 21.39 -12.87 -41.55
CA VAL A 76 21.52 -13.62 -40.31
C VAL A 76 20.24 -14.42 -40.03
N VAL A 77 19.08 -13.77 -40.15
CA VAL A 77 17.80 -14.43 -39.88
C VAL A 77 17.58 -15.59 -40.85
N LYS A 78 18.06 -15.46 -42.08
CA LYS A 78 18.03 -16.55 -43.04
C LYS A 78 18.87 -17.74 -42.59
N LEU A 79 20.01 -17.50 -41.93
CA LEU A 79 20.90 -18.60 -41.55
C LEU A 79 20.23 -19.65 -40.65
N PHE A 80 19.21 -19.28 -39.87
CA PHE A 80 18.65 -20.19 -38.86
C PHE A 80 17.57 -21.10 -39.43
N GLY A 81 17.32 -21.05 -40.73
CA GLY A 81 16.40 -21.95 -41.39
C GLY A 81 14.96 -21.80 -40.95
N PRO A 82 14.35 -22.92 -40.53
CA PRO A 82 12.92 -22.89 -40.19
C PRO A 82 12.58 -22.20 -38.88
N PHE A 83 13.56 -22.04 -37.96
CA PHE A 83 13.25 -21.51 -36.63
C PHE A 83 12.78 -20.06 -36.70
N THR A 84 13.43 -19.24 -37.52
CA THR A 84 12.93 -17.89 -37.75
C THR A 84 11.67 -17.89 -38.59
N ARG A 85 11.61 -18.79 -39.57
CA ARG A 85 10.45 -18.89 -40.49
C ARG A 85 9.15 -19.20 -39.85
N ASN A 86 9.09 -20.27 -39.09
CA ASN A 86 7.82 -20.69 -38.53
C ASN A 86 7.29 -19.65 -37.60
N TYR A 87 5.99 -19.43 -37.63
CA TYR A 87 5.40 -18.47 -36.75
C TYR A 87 4.96 -19.11 -35.49
N TYR A 88 4.83 -20.43 -35.45
CA TYR A 88 4.61 -21.08 -34.17
C TYR A 88 5.86 -21.02 -33.30
N VAL A 89 7.04 -21.25 -33.90
CA VAL A 89 8.30 -21.18 -33.18
C VAL A 89 8.57 -19.75 -32.71
N ARG A 90 8.30 -18.77 -33.58
CA ARG A 90 8.49 -17.37 -33.21
C ARG A 90 7.58 -16.96 -32.06
N ALA A 91 6.32 -17.40 -32.09
CA ALA A 91 5.36 -17.04 -31.06
C ALA A 91 5.72 -17.67 -29.72
N VAL A 92 6.07 -18.97 -29.72
CA VAL A 92 6.42 -19.62 -28.46
C VAL A 92 7.74 -19.05 -27.93
N LEU A 93 8.66 -18.68 -28.82
CA LEU A 93 9.91 -18.05 -28.38
C LEU A 93 9.63 -16.71 -27.72
N HIS A 94 8.76 -15.89 -28.32
CA HIS A 94 8.44 -14.58 -27.74
C HIS A 94 7.75 -14.72 -26.39
N LEU A 95 6.81 -15.66 -26.27
CA LEU A 95 6.11 -15.84 -25.00
C LEU A 95 7.07 -16.35 -23.91
N LEU A 96 7.89 -17.34 -24.25
CA LEU A 96 8.82 -17.91 -23.28
C LEU A 96 9.85 -16.88 -22.84
N LEU A 97 10.32 -16.03 -23.76
CA LEU A 97 11.25 -14.98 -23.37
C LEU A 97 10.58 -13.87 -22.58
N SER A 98 9.27 -13.68 -22.78
CA SER A 98 8.56 -12.65 -22.02
C SER A 98 8.31 -13.06 -20.58
N VAL A 99 8.11 -14.36 -20.34
CA VAL A 99 7.66 -14.83 -19.02
C VAL A 99 8.59 -14.44 -17.86
N PRO A 100 9.93 -14.63 -17.93
CA PRO A 100 10.77 -14.20 -16.80
C PRO A 100 10.88 -12.69 -16.64
N ALA A 101 10.56 -11.90 -17.67
CA ALA A 101 10.65 -10.46 -17.50
C ALA A 101 9.50 -9.89 -16.69
N GLY A 102 8.45 -10.67 -16.43
CA GLY A 102 7.30 -10.21 -15.69
C GLY A 102 7.46 -10.21 -14.18
N PHE A 103 8.66 -10.43 -13.67
CA PHE A 103 8.90 -10.40 -12.23
C PHE A 103 9.26 -9.02 -11.73
N LEU A 104 9.48 -8.05 -12.62
CA LEU A 104 9.82 -6.69 -12.24
C LEU A 104 8.84 -5.73 -12.87
N LEU A 105 8.50 -4.67 -12.11
CA LEU A 105 7.59 -3.64 -12.61
C LEU A 105 8.18 -2.93 -13.82
N ALA A 106 9.47 -2.59 -13.76
CA ALA A 106 10.14 -1.89 -14.86
C ALA A 106 10.08 -2.67 -16.16
N THR A 107 9.88 -3.98 -16.10
CA THR A 107 9.81 -4.80 -17.29
C THR A 107 8.43 -5.45 -17.48
N ILE A 108 7.47 -5.21 -16.58
CA ILE A 108 6.14 -5.81 -16.75
C ILE A 108 5.51 -5.30 -18.03
N LEU A 109 5.74 -4.01 -18.35
CA LEU A 109 5.26 -3.42 -19.59
C LEU A 109 5.86 -4.11 -20.80
N GLY A 110 7.15 -4.47 -20.74
CA GLY A 110 7.73 -5.24 -21.83
C GLY A 110 7.03 -6.56 -22.01
N THR A 111 6.78 -7.26 -20.89
CA THR A 111 6.22 -8.60 -20.91
C THR A 111 4.86 -8.61 -21.59
N ALA A 112 3.97 -7.74 -21.10
CA ALA A 112 2.64 -7.57 -21.71
C ALA A 112 2.75 -7.32 -23.19
N CYS A 113 3.62 -6.38 -23.60
CA CYS A 113 3.69 -6.05 -25.01
C CYS A 113 4.19 -7.24 -25.81
N LEU A 114 5.22 -7.92 -25.29
CA LEU A 114 5.71 -9.10 -26.00
C LEU A 114 4.65 -10.19 -26.06
N ALA A 115 3.88 -10.38 -25.02
CA ALA A 115 2.82 -11.35 -25.06
C ALA A 115 1.73 -10.97 -26.04
N ILE A 116 1.43 -9.69 -26.18
CA ILE A 116 0.46 -9.24 -27.16
C ILE A 116 0.98 -9.56 -28.55
N ALA A 117 2.26 -9.34 -28.80
CA ALA A 117 2.88 -9.69 -30.06
C ALA A 117 2.89 -11.16 -30.36
N SER A 118 3.25 -11.99 -29.40
CA SER A 118 3.29 -13.42 -29.55
C SER A 118 1.92 -13.87 -29.88
N GLY A 119 0.91 -13.17 -29.38
CA GLY A 119 -0.45 -13.49 -29.77
C GLY A 119 -0.71 -13.21 -31.23
N ILE A 120 -0.24 -12.07 -31.72
CA ILE A 120 -0.44 -11.77 -33.13
C ILE A 120 0.35 -12.74 -34.00
N TYR A 121 1.54 -13.14 -33.54
CA TYR A 121 2.28 -14.17 -34.27
C TYR A 121 1.47 -15.46 -34.31
N LEU A 122 0.86 -15.83 -33.17
CA LEU A 122 -0.02 -16.98 -33.14
C LEU A 122 -1.12 -16.84 -34.16
N LEU A 123 -1.74 -15.66 -34.25
CA LEU A 123 -2.80 -15.44 -35.23
C LEU A 123 -2.27 -15.65 -36.63
N ALA A 124 -1.10 -15.07 -36.95
CA ALA A 124 -0.51 -15.25 -38.27
C ALA A 124 -0.19 -16.71 -38.54
N ALA A 125 0.33 -17.42 -37.52
CA ALA A 125 0.61 -18.84 -37.66
C ALA A 125 -0.65 -19.64 -38.00
N VAL A 126 -1.79 -19.30 -37.39
CA VAL A 126 -3.01 -20.03 -37.71
C VAL A 126 -3.42 -19.76 -39.16
N ARG A 127 -3.18 -18.55 -39.65
CA ARG A 127 -3.61 -18.18 -41.00
C ARG A 127 -2.82 -18.89 -42.10
N GLY A 128 -1.65 -19.42 -41.78
CA GLY A 128 -0.75 -19.95 -42.79
C GLY A 128 0.37 -19.01 -43.17
N GLU A 129 0.48 -17.87 -42.51
CA GLU A 129 1.55 -16.92 -42.82
C GLU A 129 2.88 -17.41 -42.29
N GLN A 130 3.95 -17.03 -42.98
CA GLN A 130 5.31 -17.36 -42.56
C GLN A 130 6.21 -16.19 -42.97
N TRP A 131 7.45 -16.25 -42.53
CA TRP A 131 8.44 -15.20 -42.82
C TRP A 131 9.27 -15.66 -44.01
N THR A 132 8.97 -15.11 -45.19
CA THR A 132 9.90 -15.35 -46.30
C THR A 132 10.79 -14.13 -46.48
N PRO A 133 12.10 -14.31 -46.60
CA PRO A 133 13.02 -13.17 -46.59
C PRO A 133 12.89 -12.30 -47.84
N ILE A 134 13.28 -11.04 -47.69
CA ILE A 134 13.26 -10.08 -48.78
C ILE A 134 14.62 -10.17 -49.47
N GLU A 135 14.68 -10.91 -50.56
CA GLU A 135 15.90 -10.97 -51.36
C GLU A 135 16.11 -9.65 -52.09
N PRO A 136 17.35 -9.17 -52.19
CA PRO A 136 17.63 -7.90 -52.87
C PRO A 136 17.42 -7.98 -54.38
N GLU B 8 9.20 28.17 -44.78
CA GLU B 8 7.79 27.92 -44.49
C GLU B 8 7.32 28.80 -43.34
N GLY B 9 6.44 29.75 -43.61
CA GLY B 9 5.94 30.64 -42.57
C GLY B 9 5.16 29.94 -41.48
N LEU B 10 4.02 29.34 -41.84
CA LEU B 10 3.14 28.74 -40.84
C LEU B 10 3.74 27.48 -40.24
N SER B 11 4.42 26.66 -41.05
CA SER B 11 4.96 25.40 -40.54
C SER B 11 6.04 25.65 -39.49
N ILE B 12 7.00 26.52 -39.81
CA ILE B 12 8.05 26.86 -38.85
C ILE B 12 7.46 27.56 -37.64
N PHE B 13 6.50 28.48 -37.86
CA PHE B 13 5.88 29.19 -36.74
C PHE B 13 5.20 28.23 -35.77
N VAL B 14 4.34 27.35 -36.29
CA VAL B 14 3.58 26.43 -35.45
C VAL B 14 4.51 25.44 -34.74
N ILE B 15 5.50 24.90 -35.46
CA ILE B 15 6.41 23.93 -34.86
C ILE B 15 7.24 24.59 -33.75
N LEU B 16 7.78 25.79 -34.02
CA LEU B 16 8.60 26.47 -33.02
C LEU B 16 7.78 26.86 -31.79
N VAL B 17 6.55 27.34 -31.99
CA VAL B 17 5.71 27.72 -30.84
C VAL B 17 5.34 26.48 -30.04
N TRP B 18 5.00 25.38 -30.71
CA TRP B 18 4.65 24.13 -30.02
C TRP B 18 5.84 23.59 -29.22
N LEU B 19 7.03 23.60 -29.82
CA LEU B 19 8.24 23.14 -29.13
C LEU B 19 8.61 24.06 -27.97
N GLY B 20 8.51 25.38 -28.17
CA GLY B 20 8.79 26.32 -27.09
C GLY B 20 7.81 26.20 -25.94
N LEU B 21 6.53 25.96 -26.25
CA LEU B 21 5.54 25.74 -25.20
C LEU B 21 5.84 24.46 -24.43
N ASN B 22 6.25 23.40 -25.11
CA ASN B 22 6.64 22.17 -24.42
C ASN B 22 7.83 22.40 -23.51
N VAL B 23 8.85 23.11 -24.00
CA VAL B 23 10.03 23.39 -23.20
C VAL B 23 9.67 24.25 -21.99
N PHE B 24 8.84 25.28 -22.20
CA PHE B 24 8.43 26.14 -21.10
C PHE B 24 7.64 25.35 -20.05
N LEU B 25 6.70 24.53 -20.48
CA LEU B 25 5.90 23.76 -19.53
C LEU B 25 6.77 22.79 -18.75
N PHE B 26 7.72 22.14 -19.44
CA PHE B 26 8.60 21.19 -18.77
C PHE B 26 9.50 21.88 -17.76
N VAL B 27 10.19 22.95 -18.16
CA VAL B 27 11.09 23.67 -17.26
C VAL B 27 10.32 24.27 -16.10
N TRP B 28 9.18 24.90 -16.41
CA TRP B 28 8.33 25.56 -15.42
C TRP B 28 7.83 24.56 -14.38
N TYR B 29 7.21 23.48 -14.81
CA TYR B 29 6.67 22.51 -13.86
C TYR B 29 7.74 21.63 -13.25
N TYR B 30 8.94 21.57 -13.85
CA TYR B 30 10.06 20.97 -13.16
C TYR B 30 10.39 21.77 -11.91
N ARG B 31 10.46 23.10 -12.04
CA ARG B 31 10.82 23.90 -10.87
C ARG B 31 9.64 24.23 -9.96
N VAL B 32 8.40 24.03 -10.43
CA VAL B 32 7.25 24.15 -9.53
C VAL B 32 7.25 22.99 -8.53
N TYR B 33 7.92 21.89 -8.86
CA TYR B 33 7.95 20.71 -8.01
C TYR B 33 9.35 20.40 -7.47
N ASP B 34 10.32 21.31 -7.67
CA ASP B 34 11.70 21.09 -7.21
C ASP B 34 12.19 22.15 -6.24
N ILE B 35 11.92 23.41 -6.53
CA ILE B 35 12.31 24.54 -5.68
C ILE B 35 11.47 24.72 -4.40
N PRO B 36 10.12 24.76 -4.44
CA PRO B 36 9.38 25.35 -3.33
C PRO B 36 9.46 24.50 -2.07
N PRO B 37 9.29 25.09 -0.89
CA PRO B 37 9.36 24.31 0.36
C PRO B 37 8.14 23.47 0.63
N LYS B 38 7.07 23.62 -0.15
CA LYS B 38 5.86 22.80 0.05
C LYS B 38 6.15 21.32 -0.18
N PHE B 39 6.94 21.02 -1.21
CA PHE B 39 7.28 19.65 -1.55
C PHE B 39 8.62 19.21 -0.95
N PHE B 40 9.05 19.82 0.15
CA PHE B 40 10.36 19.48 0.73
C PHE B 40 10.38 18.04 1.23
N TYR B 41 9.44 17.53 1.98
CA TYR B 41 9.60 16.15 2.46
C TYR B 41 9.39 15.09 1.42
N THR B 42 8.58 15.33 0.40
CA THR B 42 8.39 14.39 -0.69
C THR B 42 9.64 14.24 -1.47
N ARG B 43 10.33 15.33 -1.69
CA ARG B 43 11.54 15.30 -2.42
C ARG B 43 12.59 14.62 -1.63
N LYS B 44 12.30 14.15 -0.43
CA LYS B 44 13.34 13.34 0.21
C LYS B 44 12.97 11.87 0.27
N LEU B 45 11.69 11.54 0.25
CA LEU B 45 11.25 10.17 0.04
C LEU B 45 11.37 9.76 -1.42
N LEU B 46 11.18 10.71 -2.35
CA LEU B 46 11.19 10.45 -3.78
C LEU B 46 12.43 10.97 -4.49
N GLY B 47 13.20 11.87 -3.87
CA GLY B 47 14.43 12.36 -4.46
C GLY B 47 14.14 13.34 -5.60
N SER B 48 15.02 13.28 -6.61
CA SER B 48 14.85 14.09 -7.79
C SER B 48 13.86 13.47 -8.77
N ALA B 49 13.40 12.24 -8.54
CA ALA B 49 12.46 11.60 -9.45
C ALA B 49 11.02 12.07 -9.25
N LEU B 50 10.79 13.06 -8.38
CA LEU B 50 9.48 13.67 -8.29
C LEU B 50 9.23 14.61 -9.46
N ALA B 51 10.09 15.63 -9.61
CA ALA B 51 9.89 16.64 -10.65
C ALA B 51 10.02 16.05 -12.05
N LEU B 52 10.88 15.04 -12.21
CA LEU B 52 11.01 14.32 -13.48
C LEU B 52 9.77 13.51 -13.82
N ALA B 53 8.86 13.30 -12.88
CA ALA B 53 7.58 12.68 -13.17
C ALA B 53 6.48 13.71 -13.45
N ARG B 54 6.56 14.88 -12.82
CA ARG B 54 5.47 15.86 -12.83
C ARG B 54 5.58 16.89 -13.94
N ALA B 55 6.78 17.23 -14.38
CA ALA B 55 6.91 18.10 -15.55
C ALA B 55 6.49 17.42 -16.86
N PRO B 56 6.87 16.16 -17.14
CA PRO B 56 6.29 15.49 -18.32
C PRO B 56 4.78 15.34 -18.23
N ALA B 57 4.21 15.25 -17.03
CA ALA B 57 2.75 15.18 -16.91
C ALA B 57 2.08 16.46 -17.38
N ALA B 58 2.67 17.62 -17.05
CA ALA B 58 2.15 18.88 -17.57
C ALA B 58 2.28 18.97 -19.07
N CYS B 59 3.43 18.52 -19.59
CA CYS B 59 3.60 18.49 -21.05
C CYS B 59 2.59 17.54 -21.71
N LEU B 60 2.25 16.44 -21.03
CA LEU B 60 1.26 15.51 -21.56
C LEU B 60 -0.14 16.12 -21.52
N ASN B 61 -0.43 16.92 -20.51
CA ASN B 61 -1.68 17.69 -20.46
C ASN B 61 -1.85 18.54 -21.71
N PHE B 62 -0.80 19.29 -22.05
CA PHE B 62 -0.87 20.16 -23.23
C PHE B 62 -0.91 19.36 -24.55
N ASN B 63 -0.08 18.31 -24.63
CA ASN B 63 0.04 17.53 -25.85
C ASN B 63 -1.25 16.75 -26.16
N CYS B 64 -1.93 16.26 -25.13
CA CYS B 64 -3.13 15.44 -25.35
C CYS B 64 -4.28 16.28 -25.89
N MET B 65 -4.40 17.53 -25.44
CA MET B 65 -5.33 18.45 -26.09
C MET B 65 -4.94 18.65 -27.54
N LEU B 66 -3.64 18.80 -27.81
CA LEU B 66 -3.24 19.07 -29.19
C LEU B 66 -3.47 17.90 -30.15
N ILE B 67 -3.44 16.65 -29.68
CA ILE B 67 -3.43 15.53 -30.62
C ILE B 67 -4.75 15.40 -31.40
N LEU B 68 -5.89 15.78 -30.78
CA LEU B 68 -7.21 15.55 -31.36
C LEU B 68 -7.63 16.60 -32.37
N LEU B 69 -7.06 17.80 -32.27
CA LEU B 69 -7.47 18.91 -33.14
C LEU B 69 -7.14 18.81 -34.63
N PRO B 70 -5.92 18.37 -35.01
CA PRO B 70 -5.69 18.32 -36.45
C PRO B 70 -6.19 17.04 -37.10
N VAL B 71 -7.14 16.36 -36.49
CA VAL B 71 -7.72 15.15 -37.07
C VAL B 71 -9.23 15.31 -37.09
N CYS B 72 -9.73 16.51 -36.83
CA CYS B 72 -11.17 16.76 -36.94
C CYS B 72 -11.45 16.95 -38.42
N ARG B 73 -11.82 15.88 -39.11
CA ARG B 73 -11.98 15.96 -40.56
C ARG B 73 -13.06 16.90 -41.10
N ASN B 74 -14.23 16.94 -40.48
CA ASN B 74 -15.32 17.75 -41.02
C ASN B 74 -15.31 19.18 -40.50
N LEU B 75 -14.79 19.40 -39.31
CA LEU B 75 -14.68 20.74 -38.74
C LEU B 75 -13.56 21.54 -39.38
N LEU B 76 -12.40 20.90 -39.59
CA LEU B 76 -11.33 21.59 -40.29
C LEU B 76 -11.71 21.92 -41.73
N SER B 77 -12.47 21.05 -42.40
CA SER B 77 -12.90 21.37 -43.75
C SER B 77 -13.87 22.54 -43.77
N PHE B 78 -14.76 22.62 -42.78
CA PHE B 78 -15.66 23.77 -42.67
C PHE B 78 -14.88 25.05 -42.42
N LEU B 79 -13.84 24.99 -41.59
CA LEU B 79 -13.00 26.16 -41.36
C LEU B 79 -12.20 26.53 -42.61
N ARG B 80 -11.67 25.53 -43.34
CA ARG B 80 -10.88 25.80 -44.54
C ARG B 80 -11.74 26.26 -45.72
N GLY B 81 -13.05 25.96 -45.70
CA GLY B 81 -13.92 26.51 -46.71
C GLY B 81 -14.03 28.02 -46.64
N SER B 82 -13.90 28.59 -45.44
CA SER B 82 -13.90 30.03 -45.26
C SER B 82 -12.51 30.62 -45.07
N SER B 83 -11.54 29.82 -44.63
CA SER B 83 -10.17 30.30 -44.39
C SER B 83 -9.49 30.75 -45.68
N SER B 87 -4.01 32.80 -50.50
CA SER B 87 -2.58 32.71 -50.39
C SER B 87 -2.24 31.25 -50.42
N THR B 88 -1.98 30.70 -51.59
CA THR B 88 -1.74 29.26 -51.70
C THR B 88 -0.49 28.87 -50.98
N ARG B 89 0.41 29.83 -50.77
CA ARG B 89 1.61 29.53 -50.02
C ARG B 89 1.13 29.10 -48.66
N VAL B 90 0.14 29.80 -48.13
CA VAL B 90 -0.44 29.43 -46.87
C VAL B 90 -1.23 28.15 -46.93
N ARG B 91 -1.95 27.90 -47.99
CA ARG B 91 -2.83 26.73 -47.97
C ARG B 91 -2.13 25.42 -47.79
N ARG B 92 -1.02 25.22 -48.47
CA ARG B 92 -0.27 24.00 -48.33
C ARG B 92 0.37 23.78 -46.97
N GLN B 93 0.77 24.82 -46.25
CA GLN B 93 1.30 24.65 -44.90
C GLN B 93 0.25 24.10 -43.94
N LEU B 94 -0.98 24.64 -44.00
CA LEU B 94 -2.07 24.14 -43.17
C LEU B 94 -2.58 22.78 -43.64
N ASP B 95 -2.17 22.33 -44.83
CA ASP B 95 -2.45 20.96 -45.25
C ASP B 95 -1.57 19.91 -44.58
N ARG B 96 -0.68 20.32 -43.67
CA ARG B 96 0.19 19.39 -42.94
C ARG B 96 -0.33 19.06 -41.54
N ASN B 97 -1.65 18.96 -41.45
CA ASN B 97 -2.31 18.62 -40.21
C ASN B 97 -2.10 17.21 -39.73
N LEU B 98 -1.81 16.30 -40.63
CA LEU B 98 -1.55 14.94 -40.25
C LEU B 98 -0.08 14.74 -40.04
N THR B 99 0.72 15.76 -40.29
CA THR B 99 2.13 15.67 -40.02
C THR B 99 2.29 16.27 -38.65
N PHE B 100 1.47 17.25 -38.31
CA PHE B 100 1.48 17.83 -36.96
C PHE B 100 0.91 16.88 -35.94
N HIS B 101 -0.14 16.14 -36.31
CA HIS B 101 -0.71 15.07 -35.48
C HIS B 101 0.34 14.05 -35.12
N LYS B 102 1.09 13.57 -36.12
CA LYS B 102 2.16 12.61 -35.89
C LYS B 102 3.24 13.16 -34.95
N MET B 103 3.62 14.43 -35.14
CA MET B 103 4.63 15.05 -34.28
C MET B 103 4.17 15.13 -32.83
N VAL B 104 2.92 15.59 -32.62
CA VAL B 104 2.35 15.69 -31.29
C VAL B 104 2.28 14.32 -30.63
N ALA B 105 1.88 13.30 -31.41
CA ALA B 105 1.77 11.93 -30.91
C ALA B 105 3.12 11.37 -30.48
N TRP B 106 4.16 11.64 -31.27
CA TRP B 106 5.50 11.18 -30.92
C TRP B 106 5.99 11.86 -29.65
N MET B 107 5.66 13.14 -29.47
CA MET B 107 6.03 13.79 -28.22
C MET B 107 5.22 13.25 -27.05
N ILE B 108 3.96 12.90 -27.29
CA ILE B 108 3.15 12.24 -26.26
C ILE B 108 3.85 10.97 -25.79
N ALA B 109 4.38 10.20 -26.75
CA ALA B 109 5.20 9.02 -26.42
C ALA B 109 6.42 9.39 -25.59
N LEU B 110 7.18 10.40 -26.03
CA LEU B 110 8.44 10.76 -25.36
C LEU B 110 8.21 11.20 -23.91
N HIS B 111 7.29 12.15 -23.71
CA HIS B 111 6.99 12.64 -22.37
C HIS B 111 6.36 11.56 -21.50
N SER B 112 5.51 10.71 -22.10
CA SER B 112 4.96 9.58 -21.36
C SER B 112 6.04 8.63 -20.90
N ALA B 113 7.03 8.37 -21.76
CA ALA B 113 8.15 7.48 -21.40
C ALA B 113 8.94 8.05 -20.23
N ILE B 114 9.21 9.36 -20.26
CA ILE B 114 9.92 10.01 -19.15
C ILE B 114 9.12 9.91 -17.86
N HIS B 115 7.81 10.25 -17.95
CA HIS B 115 6.88 10.14 -16.83
C HIS B 115 6.85 8.74 -16.24
N THR B 116 6.74 7.73 -17.11
CA THR B 116 6.65 6.33 -16.70
C THR B 116 7.92 5.87 -16.00
N ILE B 117 9.09 6.20 -16.56
CA ILE B 117 10.36 5.78 -15.96
C ILE B 117 10.55 6.44 -14.58
N ALA B 118 10.22 7.73 -14.49
CA ALA B 118 10.30 8.42 -13.21
C ALA B 118 9.37 7.79 -12.18
N HIS B 119 8.16 7.42 -12.59
CA HIS B 119 7.24 6.78 -11.64
C HIS B 119 7.64 5.36 -11.30
N LEU B 120 8.59 4.79 -12.01
CA LEU B 120 9.13 3.45 -11.67
C LEU B 120 10.12 3.57 -10.55
N PHE B 121 10.96 4.61 -10.56
CA PHE B 121 11.86 4.88 -9.46
C PHE B 121 11.06 5.26 -8.25
N ASN B 122 10.05 6.07 -8.43
CA ASN B 122 9.21 6.50 -7.34
C ASN B 122 8.65 5.32 -6.65
N VAL B 123 8.02 4.42 -7.39
CA VAL B 123 7.43 3.25 -6.78
C VAL B 123 8.43 2.35 -6.09
N GLU B 124 9.59 2.14 -6.67
CA GLU B 124 10.62 1.33 -6.04
C GLU B 124 10.97 1.93 -4.74
N TRP B 125 11.42 3.16 -4.75
CA TRP B 125 11.86 3.82 -3.54
C TRP B 125 10.79 3.92 -2.50
N CYS B 126 9.54 4.07 -2.90
CA CYS B 126 8.44 4.10 -1.95
C CYS B 126 8.23 2.79 -1.24
N VAL B 127 8.24 1.70 -1.97
CA VAL B 127 8.13 0.39 -1.38
C VAL B 127 9.34 0.05 -0.55
N ASN B 128 10.51 0.41 -1.01
CA ASN B 128 11.73 0.07 -0.33
C ASN B 128 11.79 0.69 1.02
N ALA B 129 11.50 1.97 1.11
CA ALA B 129 11.48 2.65 2.39
C ALA B 129 10.44 2.04 3.33
N ARG B 130 9.31 1.60 2.77
CA ARG B 130 8.23 1.05 3.60
C ARG B 130 8.65 -0.26 4.29
N VAL B 131 9.59 -1.00 3.70
CA VAL B 131 9.97 -2.30 4.25
C VAL B 131 11.34 -2.25 4.94
N ASN B 132 11.77 -1.07 5.37
CA ASN B 132 13.05 -0.85 6.07
C ASN B 132 14.23 -1.37 5.25
N ASN B 133 14.33 -0.84 4.02
CA ASN B 133 15.41 -1.16 3.10
C ASN B 133 15.96 0.12 2.48
N SER B 134 15.99 1.21 3.24
CA SER B 134 16.41 2.51 2.73
C SER B 134 17.14 3.26 3.83
N ASP B 135 17.43 4.53 3.56
CA ASP B 135 18.05 5.41 4.54
C ASP B 135 17.07 5.66 5.69
N PRO B 136 17.59 5.99 6.90
CA PRO B 136 16.69 6.14 8.07
C PRO B 136 15.58 7.17 7.91
N TYR B 137 15.87 8.30 7.24
CA TYR B 137 14.88 9.37 7.16
C TYR B 137 13.69 8.98 6.28
N SER B 138 13.90 8.31 5.17
CA SER B 138 12.81 8.00 4.28
C SER B 138 11.90 6.97 4.91
N VAL B 139 12.45 5.99 5.60
CA VAL B 139 11.63 5.01 6.31
C VAL B 139 10.85 5.65 7.43
N ALA B 140 11.45 6.58 8.16
CA ALA B 140 10.73 7.29 9.19
C ALA B 140 9.62 8.06 8.59
N LEU B 141 9.84 8.64 7.41
CA LEU B 141 8.73 9.32 6.75
C LEU B 141 7.65 8.34 6.30
N SER B 142 8.05 7.13 5.90
CA SER B 142 7.08 6.11 5.48
C SER B 142 6.17 5.66 6.62
N GLU B 143 6.57 5.89 7.87
CA GLU B 143 5.70 5.52 8.99
C GLU B 143 4.42 6.36 9.10
N LEU B 144 4.30 7.49 8.40
CA LEU B 144 3.10 8.31 8.50
C LEU B 144 1.95 7.67 7.75
N GLY B 145 0.73 7.81 8.30
CA GLY B 145 -0.46 7.26 7.69
C GLY B 145 -0.89 5.91 8.22
N ASP B 146 -0.07 5.29 9.07
CA ASP B 146 -0.50 4.05 9.73
C ASP B 146 -1.63 4.31 10.72
N ARG B 147 -1.58 5.44 11.42
CA ARG B 147 -2.46 5.72 12.54
C ARG B 147 -3.49 6.79 12.19
N GLN B 148 -4.27 7.15 13.19
CA GLN B 148 -5.31 8.17 13.05
C GLN B 148 -4.69 9.56 13.03
N ASN B 149 -5.42 10.50 12.40
CA ASN B 149 -5.09 11.93 12.41
C ASN B 149 -3.74 12.21 11.78
N GLU B 150 -3.38 11.44 10.76
CA GLU B 150 -2.15 11.69 10.04
C GLU B 150 -2.31 11.18 8.62
N SER B 151 -1.81 11.96 7.67
CA SER B 151 -1.91 11.65 6.24
C SER B 151 -0.58 11.08 5.78
N TYR B 152 -0.64 10.00 5.00
CA TYR B 152 0.58 9.38 4.51
C TYR B 152 1.30 10.33 3.55
N LEU B 153 2.61 10.18 3.48
CA LEU B 153 3.41 10.72 2.37
C LEU B 153 3.85 9.64 1.41
N ASN B 154 4.00 8.41 1.90
CA ASN B 154 4.35 7.26 1.10
C ASN B 154 3.08 6.55 0.67
N PHE B 155 2.88 6.41 -0.64
CA PHE B 155 1.67 5.81 -1.16
C PHE B 155 1.67 4.31 -1.15
N ALA B 156 2.76 3.73 -0.67
CA ALA B 156 2.81 2.30 -0.53
C ALA B 156 2.50 2.07 0.91
N ARG B 157 1.42 1.38 1.20
CA ARG B 157 0.98 1.25 2.58
C ARG B 157 1.08 -0.15 3.11
N LYS B 158 0.97 -1.15 2.28
CA LYS B 158 1.13 -2.53 2.65
C LYS B 158 2.58 -2.80 2.65
N ARG B 159 3.01 -3.61 3.57
CA ARG B 159 4.39 -3.94 3.67
C ARG B 159 4.67 -5.18 2.87
N ILE B 160 4.85 -5.02 1.56
CA ILE B 160 5.16 -6.14 0.70
C ILE B 160 6.51 -5.78 0.12
N LYS B 161 7.50 -6.65 0.26
CA LYS B 161 8.85 -6.36 -0.20
C LYS B 161 8.92 -6.35 -1.72
N ASN B 162 9.88 -5.59 -2.24
CA ASN B 162 10.09 -5.48 -3.67
C ASN B 162 10.66 -6.80 -4.21
N PRO B 163 10.40 -7.12 -5.50
CA PRO B 163 9.67 -6.37 -6.53
C PRO B 163 8.17 -6.60 -6.49
N GLU B 164 7.72 -7.53 -5.65
CA GLU B 164 6.30 -7.84 -5.57
C GLU B 164 5.50 -6.67 -5.01
N GLY B 165 6.11 -5.83 -4.18
CA GLY B 165 5.43 -4.63 -3.73
C GLY B 165 5.14 -3.65 -4.86
N GLY B 166 6.07 -3.53 -5.80
CA GLY B 166 5.83 -2.69 -6.96
C GLY B 166 4.71 -3.20 -7.84
N LEU B 167 4.67 -4.52 -8.07
CA LEU B 167 3.59 -5.10 -8.86
C LEU B 167 2.25 -4.98 -8.15
N TYR B 168 2.23 -5.05 -6.84
CA TYR B 168 1.00 -4.85 -6.11
C TYR B 168 0.52 -3.44 -6.31
N LEU B 169 1.38 -2.45 -6.16
CA LEU B 169 0.93 -1.08 -6.24
C LEU B 169 0.40 -0.77 -7.61
N ALA B 170 1.04 -1.23 -8.65
CA ALA B 170 0.50 -1.07 -9.95
C ALA B 170 -0.86 -1.74 -10.08
N VAL B 171 -1.01 -2.99 -9.66
CA VAL B 171 -2.31 -3.63 -9.90
C VAL B 171 -3.35 -3.26 -8.85
N THR B 172 -3.01 -2.41 -7.88
CA THR B 172 -4.01 -1.95 -6.92
C THR B 172 -4.22 -0.43 -6.92
N LEU B 173 -3.17 0.37 -7.07
CA LEU B 173 -3.35 1.82 -7.18
C LEU B 173 -4.09 2.15 -8.47
N LEU B 174 -4.97 3.14 -8.40
CA LEU B 174 -5.72 3.53 -9.59
C LEU B 174 -4.78 4.16 -10.63
N ALA B 175 -3.85 5.00 -10.18
CA ALA B 175 -2.89 5.57 -11.10
C ALA B 175 -2.03 4.51 -11.78
N GLY B 176 -1.70 3.42 -11.08
CA GLY B 176 -0.96 2.34 -11.71
C GLY B 176 -1.73 1.49 -12.69
N ILE B 177 -2.97 1.11 -12.33
CA ILE B 177 -3.81 0.32 -13.23
C ILE B 177 -4.12 1.11 -14.50
N THR B 178 -4.53 2.37 -14.34
CA THR B 178 -4.80 3.19 -15.51
C THR B 178 -3.53 3.48 -16.30
N GLY B 179 -2.38 3.63 -15.62
CA GLY B 179 -1.13 3.80 -16.34
C GLY B 179 -0.77 2.62 -17.20
N VAL B 180 -0.93 1.40 -16.66
CA VAL B 180 -0.63 0.20 -17.45
C VAL B 180 -1.60 0.07 -18.62
N VAL B 181 -2.89 0.33 -18.37
CA VAL B 181 -3.90 0.21 -19.43
C VAL B 181 -3.63 1.19 -20.57
N ILE B 182 -3.39 2.46 -20.24
CA ILE B 182 -3.18 3.43 -21.30
C ILE B 182 -1.77 3.37 -21.87
N THR B 183 -0.81 2.74 -21.17
CA THR B 183 0.48 2.48 -21.81
C THR B 183 0.35 1.40 -22.87
N LEU B 184 -0.38 0.33 -22.55
CA LEU B 184 -0.66 -0.68 -23.57
C LEU B 184 -1.45 -0.08 -24.71
N CYS B 185 -2.44 0.76 -24.41
CA CYS B 185 -3.26 1.38 -25.44
C CYS B 185 -2.57 2.54 -26.15
N LEU B 186 -1.42 3.00 -25.67
CA LEU B 186 -0.62 3.97 -26.41
C LEU B 186 0.40 3.28 -27.32
N ILE B 187 1.11 2.29 -26.81
CA ILE B 187 2.04 1.51 -27.63
C ILE B 187 1.36 0.74 -28.73
N LEU B 188 0.18 0.20 -28.49
CA LEU B 188 -0.54 -0.51 -29.55
C LEU B 188 -0.95 0.44 -30.63
N ILE B 189 -1.46 1.61 -30.29
CA ILE B 189 -1.74 2.62 -31.31
C ILE B 189 -0.48 2.91 -32.13
N ILE B 190 0.64 3.16 -31.45
CA ILE B 190 1.87 3.54 -32.13
C ILE B 190 2.41 2.41 -33.00
N THR B 191 2.47 1.19 -32.46
CA THR B 191 2.98 0.05 -33.23
C THR B 191 2.07 -0.32 -34.39
N SER B 192 0.76 -0.10 -34.26
CA SER B 192 -0.15 -0.31 -35.36
C SER B 192 -0.31 0.93 -36.24
N SER B 193 0.50 1.95 -36.06
CA SER B 193 0.43 3.11 -36.94
C SER B 193 1.74 3.41 -37.69
N THR B 194 2.54 2.39 -37.98
CA THR B 194 3.63 2.59 -38.93
C THR B 194 3.05 2.72 -40.35
N LYS B 195 3.85 3.32 -41.25
CA LYS B 195 3.41 3.57 -42.63
C LYS B 195 3.00 2.29 -43.35
N THR B 196 3.66 1.17 -43.05
CA THR B 196 3.30 -0.11 -43.66
C THR B 196 1.90 -0.56 -43.23
N ILE B 197 1.58 -0.43 -41.95
CA ILE B 197 0.23 -0.76 -41.51
C ILE B 197 -0.77 0.24 -42.06
N ARG B 198 -0.43 1.53 -42.03
CA ARG B 198 -1.35 2.57 -42.47
C ARG B 198 -1.68 2.45 -43.96
N ARG B 199 -0.75 1.94 -44.76
CA ARG B 199 -0.89 1.92 -46.21
C ARG B 199 -1.27 0.56 -46.77
N SER B 200 -0.65 -0.52 -46.30
CA SER B 200 -0.96 -1.85 -46.82
C SER B 200 -2.17 -2.47 -46.15
N TYR B 201 -2.36 -2.23 -44.84
CA TYR B 201 -3.48 -2.82 -44.10
C TYR B 201 -4.20 -1.72 -43.33
N PHE B 202 -5.01 -0.95 -44.05
CA PHE B 202 -5.64 0.19 -43.40
C PHE B 202 -6.66 -0.25 -42.38
N GLU B 203 -7.26 -1.42 -42.59
CA GLU B 203 -8.31 -1.91 -41.69
C GLU B 203 -7.77 -2.14 -40.28
N VAL B 204 -6.52 -2.60 -40.15
CA VAL B 204 -5.90 -2.78 -38.85
C VAL B 204 -5.58 -1.45 -38.23
N PHE B 205 -5.01 -0.52 -38.97
CA PHE B 205 -4.74 0.82 -38.47
C PHE B 205 -5.96 1.46 -37.88
N TRP B 206 -7.04 1.58 -38.65
CA TRP B 206 -8.22 2.28 -38.20
C TRP B 206 -8.94 1.72 -37.02
N TYR B 207 -9.15 0.43 -37.00
CA TYR B 207 -9.78 -0.19 -35.87
C TYR B 207 -8.99 -0.16 -34.60
N THR B 208 -7.71 -0.44 -34.65
CA THR B 208 -6.87 -0.39 -33.48
C THR B 208 -6.60 1.00 -33.02
N HIS B 209 -6.91 1.98 -33.83
CA HIS B 209 -6.66 3.37 -33.49
C HIS B 209 -7.76 3.88 -32.66
N HIS B 210 -8.68 3.02 -32.30
CA HIS B 210 -9.83 3.44 -31.55
C HIS B 210 -9.65 3.08 -30.13
N LEU B 211 -8.44 2.72 -29.75
CA LEU B 211 -8.13 2.42 -28.39
C LEU B 211 -7.89 3.76 -27.79
N PHE B 212 -7.96 4.81 -28.59
CA PHE B 212 -7.81 6.18 -28.11
C PHE B 212 -8.91 6.54 -27.13
N VAL B 213 -10.10 6.01 -27.32
CA VAL B 213 -11.20 6.26 -26.43
C VAL B 213 -10.82 5.69 -25.09
N ILE B 214 -10.23 4.51 -25.06
CA ILE B 214 -9.76 3.87 -23.83
C ILE B 214 -8.61 4.66 -23.22
N PHE B 215 -7.70 5.16 -24.06
CA PHE B 215 -6.57 5.96 -23.59
C PHE B 215 -7.05 7.21 -22.87
N PHE B 216 -7.98 7.94 -23.47
CA PHE B 216 -8.47 9.18 -22.86
C PHE B 216 -9.33 8.91 -21.64
N ILE B 217 -10.12 7.82 -21.66
CA ILE B 217 -10.95 7.48 -20.51
C ILE B 217 -10.07 7.11 -19.31
N GLY B 218 -9.03 6.31 -19.54
CA GLY B 218 -8.08 6.02 -18.47
C GLY B 218 -7.30 7.24 -18.03
N LEU B 219 -7.01 8.15 -18.96
CA LEU B 219 -6.26 9.37 -18.63
C LEU B 219 -7.08 10.34 -17.80
N ALA B 220 -8.40 10.41 -18.03
CA ALA B 220 -9.23 11.35 -17.27
C ALA B 220 -9.31 10.97 -15.80
N ILE B 221 -9.44 9.68 -15.50
CA ILE B 221 -9.57 9.20 -14.13
C ILE B 221 -8.22 8.79 -13.58
N HIS B 222 -7.16 9.09 -14.34
CA HIS B 222 -5.80 8.66 -14.00
C HIS B 222 -5.32 9.27 -12.69
N GLY B 223 -5.57 10.56 -12.49
CA GLY B 223 -5.06 11.24 -11.32
C GLY B 223 -6.08 11.47 -10.24
N ALA B 224 -7.08 10.60 -10.13
CA ALA B 224 -8.14 10.82 -9.14
C ALA B 224 -7.66 10.56 -7.71
N GLU B 225 -6.69 9.66 -7.50
CA GLU B 225 -6.35 9.25 -6.14
C GLU B 225 -5.57 10.30 -5.38
N ARG B 226 -4.85 11.18 -6.08
CA ARG B 226 -4.01 12.21 -5.48
C ARG B 226 -2.94 11.59 -4.58
N ILE B 227 -2.32 10.51 -5.05
CA ILE B 227 -1.32 9.81 -4.21
C ILE B 227 -0.03 10.62 -4.09
N VAL B 228 0.36 11.34 -5.15
CA VAL B 228 1.51 12.24 -5.04
C VAL B 228 1.05 13.46 -4.23
N ARG B 229 1.53 13.54 -2.99
CA ARG B 229 1.03 14.51 -2.01
C ARG B 229 2.14 15.44 -1.59
N GLY B 230 1.78 16.70 -1.38
CA GLY B 230 2.67 17.68 -0.78
C GLY B 230 2.07 18.24 0.50
N GLN B 231 2.91 18.84 1.34
CA GLN B 231 2.44 19.39 2.60
C GLN B 231 1.51 20.58 2.36
N THR B 232 0.37 20.60 3.05
CA THR B 232 -0.63 21.63 2.86
C THR B 232 -0.15 22.98 3.40
N ALA B 233 -0.79 24.04 2.91
CA ALA B 233 -0.38 25.40 3.22
C ALA B 233 -0.55 25.72 4.70
N GLU B 234 -1.68 25.32 5.29
CA GLU B 234 -1.91 25.52 6.72
C GLU B 234 -0.89 24.75 7.56
N SER B 235 -0.59 23.52 7.14
CA SER B 235 0.45 22.72 7.79
C SER B 235 1.80 23.41 7.70
N LEU B 236 2.16 23.95 6.54
CA LEU B 236 3.40 24.69 6.39
C LEU B 236 3.43 25.93 7.28
N ALA B 237 2.28 26.59 7.44
CA ALA B 237 2.21 27.76 8.30
C ALA B 237 2.50 27.41 9.75
N VAL B 238 2.00 26.28 10.23
CA VAL B 238 2.33 25.90 11.61
C VAL B 238 3.61 25.08 11.73
N HIS B 239 4.06 24.43 10.67
CA HIS B 239 5.23 23.55 10.69
C HIS B 239 6.34 24.23 9.92
N ASN B 240 7.17 25.01 10.62
CA ASN B 240 8.34 25.64 10.02
C ASN B 240 9.37 24.54 9.74
N ILE B 241 9.60 24.27 8.44
CA ILE B 241 10.29 23.05 8.02
C ILE B 241 11.76 23.06 8.46
N THR B 242 12.44 24.20 8.30
CA THR B 242 13.87 24.29 8.58
C THR B 242 14.19 24.06 10.05
N VAL B 243 13.25 24.33 10.96
CA VAL B 243 13.43 24.00 12.36
C VAL B 243 13.06 22.54 12.64
N CYS B 244 12.09 21.99 11.90
CA CYS B 244 11.44 20.74 12.27
C CYS B 244 12.01 19.51 11.59
N GLU B 245 12.93 19.66 10.63
CA GLU B 245 13.38 18.50 9.86
C GLU B 245 14.13 17.49 10.73
N GLN B 246 15.01 17.96 11.61
CA GLN B 246 15.82 17.08 12.44
C GLN B 246 15.11 16.62 13.71
N LYS B 247 13.89 17.12 13.96
CA LYS B 247 13.09 16.73 15.12
C LYS B 247 11.98 15.76 14.73
N ILE B 248 12.21 14.95 13.69
CA ILE B 248 11.18 14.05 13.17
C ILE B 248 10.78 13.02 14.21
N SER B 249 11.74 12.53 14.99
CA SER B 249 11.48 11.52 16.02
C SER B 249 10.57 12.02 17.14
N GLU B 250 10.31 13.33 17.23
CA GLU B 250 9.44 13.86 18.27
C GLU B 250 8.26 14.66 17.72
N TRP B 251 7.96 14.55 16.42
CA TRP B 251 6.92 15.36 15.78
C TRP B 251 5.57 15.18 16.45
N GLY B 252 4.86 16.29 16.62
CA GLY B 252 3.59 16.29 17.33
C GLY B 252 3.69 16.35 18.84
N LYS B 253 4.89 16.34 19.39
CA LYS B 253 5.04 16.28 20.83
C LYS B 253 5.85 17.43 21.28
N ILE B 254 6.18 18.33 20.37
CA ILE B 254 6.87 19.54 20.73
C ILE B 254 6.00 20.60 20.13
N LYS B 255 5.90 21.76 20.76
CA LYS B 255 4.99 22.78 20.26
C LYS B 255 5.35 23.34 18.93
N GLU B 256 6.63 23.50 18.67
CA GLU B 256 7.09 24.06 17.44
C GLU B 256 6.77 23.17 16.27
N CYS B 257 6.87 21.87 16.45
CA CYS B 257 6.70 20.94 15.34
C CYS B 257 5.52 19.99 15.35
N PRO B 258 4.27 20.48 15.12
CA PRO B 258 3.19 19.50 14.97
C PRO B 258 3.45 18.62 13.75
N ILE B 259 2.76 17.49 13.72
CA ILE B 259 2.94 16.54 12.61
C ILE B 259 2.46 17.18 11.32
N PRO B 260 3.28 17.22 10.28
CA PRO B 260 2.86 17.85 9.02
C PRO B 260 1.73 17.07 8.36
N GLN B 261 0.86 17.80 7.66
CA GLN B 261 -0.28 17.23 6.98
C GLN B 261 -0.08 17.39 5.49
N PHE B 262 -0.24 16.27 4.76
CA PHE B 262 0.01 16.23 3.32
C PHE B 262 -1.29 15.98 2.58
N ALA B 263 -1.57 16.80 1.57
CA ALA B 263 -2.71 16.61 0.66
C ALA B 263 -2.21 16.41 -0.76
N GLY B 264 -3.12 15.97 -1.62
CA GLY B 264 -2.80 15.72 -3.02
C GLY B 264 -3.49 16.71 -3.93
N ASN B 265 -2.79 17.09 -5.01
CA ASN B 265 -3.33 18.08 -5.93
C ASN B 265 -4.53 17.52 -6.67
N PRO B 266 -5.60 18.31 -6.84
CA PRO B 266 -6.78 17.85 -7.58
C PRO B 266 -6.46 17.62 -9.04
N PRO B 267 -7.14 16.65 -9.68
CA PRO B 267 -6.85 16.32 -11.09
C PRO B 267 -7.01 17.52 -12.02
N MET B 268 -6.07 17.65 -12.95
CA MET B 268 -6.05 18.76 -13.88
C MET B 268 -6.23 18.35 -15.33
N THR B 269 -6.06 17.06 -15.65
CA THR B 269 -6.06 16.63 -17.04
C THR B 269 -7.45 16.75 -17.69
N TRP B 270 -8.50 16.47 -16.91
CA TRP B 270 -9.86 16.57 -17.46
C TRP B 270 -10.16 17.97 -17.95
N LYS B 271 -9.65 18.99 -17.25
CA LYS B 271 -9.77 20.38 -17.67
C LYS B 271 -9.13 20.61 -19.04
N TRP B 272 -8.10 19.83 -19.38
CA TRP B 272 -7.44 19.98 -20.67
C TRP B 272 -8.17 19.20 -21.77
N ILE B 273 -8.43 17.91 -21.52
CA ILE B 273 -8.93 17.05 -22.57
C ILE B 273 -10.45 17.14 -22.77
N VAL B 274 -11.17 17.93 -21.95
CA VAL B 274 -12.62 18.00 -22.09
C VAL B 274 -13.02 18.64 -23.42
N GLY B 275 -12.37 19.74 -23.79
CA GLY B 275 -12.67 20.49 -24.98
C GLY B 275 -12.43 19.73 -26.28
N PRO B 276 -11.22 19.15 -26.46
CA PRO B 276 -11.00 18.36 -27.67
C PRO B 276 -11.84 17.09 -27.79
N MET B 277 -12.14 16.38 -26.69
CA MET B 277 -13.02 15.22 -26.79
C MET B 277 -14.43 15.63 -27.18
N PHE B 278 -14.90 16.74 -26.62
CA PHE B 278 -16.16 17.35 -27.04
C PHE B 278 -16.14 17.73 -28.51
N LEU B 279 -15.03 18.34 -28.96
CA LEU B 279 -14.89 18.76 -30.35
C LEU B 279 -14.87 17.56 -31.28
N TYR B 280 -14.20 16.49 -30.86
CA TYR B 280 -14.14 15.29 -31.66
C TYR B 280 -15.48 14.58 -31.70
N LEU B 281 -16.23 14.59 -30.59
CA LEU B 281 -17.57 14.02 -30.57
C LEU B 281 -18.53 14.81 -31.46
N CYS B 282 -18.44 16.14 -31.42
CA CYS B 282 -19.26 16.97 -32.31
C CYS B 282 -18.89 16.74 -33.77
N GLU B 283 -17.60 16.57 -34.06
CA GLU B 283 -17.17 16.29 -35.43
C GLU B 283 -17.69 14.92 -35.89
N ARG B 284 -17.64 13.91 -35.02
CA ARG B 284 -18.17 12.60 -35.38
C ARG B 284 -19.68 12.64 -35.57
N LEU B 285 -20.39 13.47 -34.80
CA LEU B 285 -21.82 13.65 -35.03
C LEU B 285 -22.09 14.34 -36.36
N VAL B 286 -21.24 15.30 -36.73
CA VAL B 286 -21.36 15.95 -38.04
C VAL B 286 -21.15 14.93 -39.16
N ARG B 287 -20.17 14.04 -38.99
CA ARG B 287 -19.91 12.99 -39.98
C ARG B 287 -21.08 12.01 -40.08
N PHE B 288 -21.66 11.63 -38.93
CA PHE B 288 -22.87 10.81 -38.93
C PHE B 288 -24.02 11.51 -39.64
N TRP B 289 -24.14 12.82 -39.43
CA TRP B 289 -25.16 13.61 -40.09
C TRP B 289 -24.96 13.61 -41.60
N ARG B 290 -23.70 13.65 -42.05
CA ARG B 290 -23.41 13.47 -43.47
C ARG B 290 -23.75 12.06 -43.94
N SER B 291 -23.62 11.06 -43.06
CA SER B 291 -24.04 9.71 -43.42
C SER B 291 -25.55 9.60 -43.61
N GLN B 292 -26.33 10.40 -42.88
CA GLN B 292 -27.78 10.35 -43.06
C GLN B 292 -28.26 11.08 -44.31
N GLN B 293 -27.48 12.02 -44.86
CA GLN B 293 -27.90 12.85 -46.02
C GLN B 293 -28.06 12.19 -47.36
N LYS B 294 -29.02 12.62 -48.17
CA LYS B 294 -29.34 11.98 -49.43
C LYS B 294 -28.37 12.07 -50.58
N VAL B 295 -28.07 10.95 -51.25
CA VAL B 295 -27.22 10.94 -52.43
C VAL B 295 -27.93 9.96 -53.31
N VAL B 296 -28.45 10.40 -54.45
CA VAL B 296 -29.12 9.54 -55.42
C VAL B 296 -28.11 9.06 -56.44
N ILE B 297 -28.06 7.75 -56.65
CA ILE B 297 -27.10 7.14 -57.58
C ILE B 297 -27.79 7.03 -58.93
N THR B 298 -27.55 8.02 -59.79
CA THR B 298 -28.26 8.09 -61.06
C THR B 298 -27.81 7.00 -62.01
N LYS B 299 -26.52 6.69 -62.04
CA LYS B 299 -26.06 5.74 -63.04
C LYS B 299 -24.88 4.94 -62.52
N VAL B 300 -24.85 3.65 -62.84
CA VAL B 300 -23.74 2.80 -62.45
C VAL B 300 -23.24 2.14 -63.72
N VAL B 301 -22.02 2.45 -64.16
CA VAL B 301 -21.47 1.86 -65.35
C VAL B 301 -20.43 0.88 -64.92
N THR B 302 -20.47 -0.34 -65.46
CA THR B 302 -19.48 -1.35 -65.13
C THR B 302 -18.41 -1.39 -66.19
N HIS B 303 -17.26 -0.79 -65.90
CA HIS B 303 -16.19 -0.75 -66.84
C HIS B 303 -15.44 -2.07 -66.74
N PRO B 304 -14.58 -2.39 -67.71
CA PRO B 304 -13.89 -3.68 -67.71
C PRO B 304 -12.86 -3.88 -66.62
N PHE B 305 -12.55 -5.12 -66.26
CA PHE B 305 -11.63 -5.45 -65.17
C PHE B 305 -12.09 -5.01 -63.81
N LYS B 306 -13.40 -5.13 -63.59
CA LYS B 306 -13.98 -4.80 -62.30
C LYS B 306 -13.83 -3.44 -61.76
N THR B 307 -14.24 -2.43 -62.51
CA THR B 307 -14.28 -1.10 -61.98
C THR B 307 -15.70 -0.65 -62.13
N ILE B 308 -16.33 -0.13 -61.10
CA ILE B 308 -17.66 0.40 -61.25
C ILE B 308 -17.61 1.91 -61.15
N GLU B 309 -18.12 2.60 -62.16
CA GLU B 309 -18.18 4.03 -62.10
C GLU B 309 -19.51 4.30 -61.53
N LEU B 310 -19.55 5.00 -60.42
CA LEU B 310 -20.79 5.36 -59.82
C LEU B 310 -20.98 6.82 -60.04
N GLN B 311 -21.91 7.21 -60.90
CA GLN B 311 -22.23 8.61 -61.10
C GLN B 311 -23.41 8.94 -60.23
N MET B 312 -23.28 9.90 -59.34
CA MET B 312 -24.31 10.20 -58.40
C MET B 312 -24.53 11.68 -58.16
N LYS B 313 -25.70 12.10 -57.69
CA LYS B 313 -25.97 13.50 -57.38
C LYS B 313 -26.33 13.71 -55.93
N LYS B 314 -25.88 14.79 -55.31
CA LYS B 314 -26.14 15.07 -53.91
C LYS B 314 -26.36 16.52 -53.96
N LYS B 315 -27.39 17.01 -53.30
CA LYS B 315 -27.69 18.41 -53.41
C LYS B 315 -26.54 19.17 -52.80
N GLY B 316 -26.21 20.30 -53.36
CA GLY B 316 -25.14 21.11 -52.82
C GLY B 316 -23.76 20.54 -52.69
N PHE B 317 -23.26 19.90 -53.74
CA PHE B 317 -21.90 19.40 -53.73
C PHE B 317 -21.15 20.21 -54.71
N LYS B 318 -20.05 20.78 -54.28
CA LYS B 318 -19.24 21.60 -55.13
C LYS B 318 -17.90 20.97 -55.02
N MET B 319 -17.24 20.78 -56.14
CA MET B 319 -15.94 20.14 -56.12
C MET B 319 -14.90 21.00 -56.81
N GLU B 320 -13.64 20.60 -56.75
CA GLU B 320 -12.62 21.29 -57.47
C GLU B 320 -11.80 20.18 -58.02
N VAL B 321 -11.04 20.42 -59.05
CA VAL B 321 -10.30 19.35 -59.68
C VAL B 321 -9.29 18.74 -58.73
N GLY B 322 -9.23 17.41 -58.67
CA GLY B 322 -8.27 16.74 -57.84
C GLY B 322 -8.79 16.27 -56.52
N GLN B 323 -9.98 16.68 -56.16
CA GLN B 323 -10.51 16.35 -54.85
C GLN B 323 -11.11 14.99 -54.68
N TYR B 324 -11.18 14.50 -53.47
CA TYR B 324 -11.68 13.17 -53.22
C TYR B 324 -12.80 13.20 -52.23
N ILE B 325 -13.56 12.12 -52.13
CA ILE B 325 -14.69 12.07 -51.24
C ILE B 325 -14.60 10.79 -50.50
N PHE B 326 -15.37 10.60 -49.44
CA PHE B 326 -15.42 9.35 -48.71
C PHE B 326 -16.82 8.83 -48.90
N VAL B 327 -16.98 7.57 -49.24
CA VAL B 327 -18.27 6.98 -49.44
C VAL B 327 -18.56 5.87 -48.47
N LYS B 328 -19.70 5.87 -47.81
CA LYS B 328 -20.08 4.79 -46.92
C LYS B 328 -21.28 4.12 -47.46
N CYS B 329 -21.31 2.80 -47.49
CA CYS B 329 -22.50 2.14 -47.87
C CYS B 329 -22.85 1.44 -46.62
N PRO B 330 -24.00 1.77 -46.03
CA PRO B 330 -24.44 1.18 -44.78
C PRO B 330 -24.60 -0.32 -44.82
N LYS B 331 -25.12 -0.86 -45.89
CA LYS B 331 -25.25 -2.30 -46.00
C LYS B 331 -23.95 -3.08 -46.01
N VAL B 332 -22.94 -2.63 -46.74
CA VAL B 332 -21.65 -3.32 -46.69
C VAL B 332 -20.97 -3.17 -45.35
N SER B 333 -20.91 -1.95 -44.83
CA SER B 333 -20.32 -1.71 -43.54
C SER B 333 -20.96 -0.54 -42.93
N LYS B 334 -21.61 -0.71 -41.80
CA LYS B 334 -22.17 0.41 -41.10
C LYS B 334 -21.11 1.33 -40.59
N LEU B 335 -19.98 0.81 -40.16
CA LEU B 335 -18.94 1.64 -39.53
C LEU B 335 -17.92 2.36 -40.41
N GLU B 336 -17.70 1.95 -41.66
CA GLU B 336 -16.62 2.52 -42.49
C GLU B 336 -16.88 3.43 -43.68
N TRP B 337 -16.01 4.42 -43.89
CA TRP B 337 -16.09 5.31 -45.03
C TRP B 337 -14.88 5.14 -45.87
N HIS B 338 -15.00 4.75 -47.14
CA HIS B 338 -13.84 4.47 -47.95
C HIS B 338 -13.66 5.56 -48.93
N PRO B 339 -12.45 6.11 -49.05
CA PRO B 339 -12.21 7.27 -49.89
C PRO B 339 -12.06 7.06 -51.37
N PHE B 340 -12.71 7.85 -52.21
CA PHE B 340 -12.55 7.75 -53.64
C PHE B 340 -12.37 9.11 -54.32
N THR B 341 -11.49 9.23 -55.32
CA THR B 341 -11.23 10.49 -56.02
C THR B 341 -12.34 10.82 -56.96
N LEU B 342 -12.75 12.08 -57.01
CA LEU B 342 -13.83 12.49 -57.86
C LEU B 342 -13.30 12.47 -59.23
N THR B 343 -13.87 11.68 -60.12
CA THR B 343 -13.36 11.50 -61.46
C THR B 343 -14.19 12.18 -62.48
N SER B 344 -14.94 13.19 -62.08
CA SER B 344 -15.80 13.89 -62.99
C SER B 344 -15.49 15.33 -62.95
N ALA B 345 -15.83 16.03 -64.01
CA ALA B 345 -15.56 17.45 -64.09
C ALA B 345 -16.38 18.19 -63.09
N PRO B 346 -15.87 19.32 -62.61
CA PRO B 346 -16.62 20.14 -61.67
C PRO B 346 -17.89 20.64 -62.31
N GLU B 347 -17.86 20.92 -63.60
CA GLU B 347 -19.02 21.51 -64.28
C GLU B 347 -20.19 20.59 -64.56
N GLU B 348 -20.01 19.30 -64.39
CA GLU B 348 -21.09 18.34 -64.60
C GLU B 348 -22.12 18.35 -63.50
N ASP B 349 -23.38 18.05 -63.82
CA ASP B 349 -24.44 18.00 -62.82
C ASP B 349 -24.21 16.90 -61.82
N PHE B 350 -23.77 15.77 -62.30
CA PHE B 350 -23.49 14.65 -61.44
C PHE B 350 -22.05 14.69 -61.05
N PHE B 351 -21.65 13.87 -60.09
CA PHE B 351 -20.25 13.75 -59.79
C PHE B 351 -19.99 12.29 -59.83
N SER B 352 -18.80 11.86 -60.21
CA SER B 352 -18.53 10.45 -60.36
C SER B 352 -17.33 10.01 -59.62
N ILE B 353 -17.20 8.71 -59.38
CA ILE B 353 -16.00 8.17 -58.76
C ILE B 353 -15.85 6.90 -59.51
N HIS B 354 -14.63 6.44 -59.69
CA HIS B 354 -14.38 5.17 -60.36
C HIS B 354 -13.80 4.26 -59.34
N ILE B 355 -14.45 3.15 -59.03
CA ILE B 355 -14.00 2.29 -57.95
C ILE B 355 -13.54 0.96 -58.48
N ARG B 356 -12.28 0.60 -58.24
CA ARG B 356 -11.74 -0.68 -58.68
C ARG B 356 -11.97 -1.66 -57.59
N ILE B 357 -12.47 -2.83 -57.91
CA ILE B 357 -12.81 -3.76 -56.86
C ILE B 357 -11.56 -4.47 -56.41
N VAL B 358 -11.08 -4.17 -55.21
CA VAL B 358 -9.86 -4.77 -54.69
C VAL B 358 -10.01 -5.50 -53.38
N GLY B 359 -11.18 -5.50 -52.76
CA GLY B 359 -11.30 -6.09 -51.45
C GLY B 359 -12.66 -6.22 -50.85
N ASP B 360 -12.76 -6.28 -49.54
CA ASP B 360 -14.05 -6.55 -48.90
C ASP B 360 -15.24 -5.59 -49.01
N TRP B 361 -15.06 -4.31 -48.80
CA TRP B 361 -16.12 -3.35 -48.99
C TRP B 361 -16.40 -3.16 -50.42
N THR B 362 -15.36 -3.03 -51.22
CA THR B 362 -15.54 -2.76 -52.62
C THR B 362 -16.22 -3.94 -53.28
N GLU B 363 -15.91 -5.16 -52.90
CA GLU B 363 -16.64 -6.30 -53.43
C GLU B 363 -18.05 -6.26 -52.97
N GLY B 364 -18.30 -5.85 -51.73
CA GLY B 364 -19.66 -5.70 -51.25
C GLY B 364 -20.50 -4.69 -52.00
N LEU B 365 -19.95 -3.54 -52.35
CA LEU B 365 -20.65 -2.55 -53.14
C LEU B 365 -20.96 -3.14 -54.49
N PHE B 366 -20.00 -3.85 -55.07
CA PHE B 366 -20.17 -4.46 -56.38
C PHE B 366 -21.29 -5.45 -56.35
N ASN B 367 -21.25 -6.37 -55.39
CA ASN B 367 -22.28 -7.37 -55.28
C ASN B 367 -23.64 -6.77 -55.01
N ALA B 368 -23.71 -5.77 -54.15
CA ALA B 368 -24.95 -5.09 -53.87
C ALA B 368 -25.51 -4.37 -55.05
N CYS B 369 -24.66 -3.72 -55.82
CA CYS B 369 -25.13 -2.93 -56.94
C CYS B 369 -25.86 -3.79 -57.92
N GLY B 370 -25.39 -5.00 -58.10
CA GLY B 370 -26.04 -5.89 -59.02
C GLY B 370 -25.19 -5.96 -60.25
N CYS B 371 -23.99 -5.42 -60.15
CA CYS B 371 -23.08 -5.55 -61.25
C CYS B 371 -22.79 -7.02 -61.48
N ASP B 372 -22.69 -7.78 -60.40
CA ASP B 372 -22.47 -9.22 -60.51
C ASP B 372 -23.53 -10.02 -61.22
N LYS B 373 -24.79 -9.74 -60.94
CA LYS B 373 -25.87 -10.50 -61.52
C LYS B 373 -26.40 -9.92 -62.80
N GLN B 374 -27.49 -10.48 -63.29
CA GLN B 374 -28.09 -10.02 -64.55
C GLN B 374 -28.72 -8.64 -64.45
N LYS B 381 -33.38 -0.53 -55.74
CA LYS B 381 -32.52 -1.69 -55.54
C LYS B 381 -31.11 -1.28 -55.19
N LEU B 382 -30.56 -0.33 -55.92
CA LEU B 382 -29.17 0.01 -55.72
C LEU B 382 -29.00 0.43 -54.29
N PRO B 383 -27.88 0.05 -53.67
CA PRO B 383 -27.72 0.32 -52.24
C PRO B 383 -27.65 1.79 -51.85
N LYS B 384 -28.07 2.14 -50.63
CA LYS B 384 -27.97 3.51 -50.17
C LYS B 384 -26.54 3.85 -49.90
N ILE B 385 -26.05 4.98 -50.40
CA ILE B 385 -24.71 5.41 -50.12
C ILE B 385 -24.73 6.80 -49.58
N ALA B 386 -23.63 7.23 -48.97
CA ALA B 386 -23.54 8.56 -48.44
C ALA B 386 -22.19 9.15 -48.69
N VAL B 387 -22.10 10.19 -49.49
CA VAL B 387 -20.84 10.86 -49.77
C VAL B 387 -20.42 11.93 -48.76
N ASP B 388 -19.23 11.81 -48.16
CA ASP B 388 -18.75 12.77 -47.14
C ASP B 388 -18.38 14.14 -47.53
N GLY B 389 -17.68 14.33 -48.62
CA GLY B 389 -17.45 15.71 -48.95
C GLY B 389 -16.25 15.98 -49.79
N PRO B 390 -16.20 17.13 -50.46
CA PRO B 390 -15.01 17.23 -51.28
C PRO B 390 -13.89 17.44 -50.28
N PHE B 391 -12.91 16.57 -50.25
CA PHE B 391 -11.81 16.76 -49.33
C PHE B 391 -10.61 16.91 -50.20
N GLY B 392 -9.43 16.85 -49.65
CA GLY B 392 -8.26 16.89 -50.50
C GLY B 392 -7.78 18.23 -50.89
N THR B 393 -6.68 18.28 -51.63
CA THR B 393 -6.18 19.53 -52.11
C THR B 393 -6.53 19.68 -53.56
N ALA B 394 -7.03 20.84 -53.93
CA ALA B 394 -7.40 21.10 -55.29
C ALA B 394 -6.19 21.19 -56.15
N SER B 395 -6.35 21.04 -57.44
CA SER B 395 -5.24 21.19 -58.36
C SER B 395 -5.66 22.27 -59.32
N GLU B 396 -6.30 23.31 -58.82
CA GLU B 396 -6.83 24.36 -59.67
C GLU B 396 -5.77 25.06 -60.47
N ASP B 397 -4.55 25.08 -59.98
CA ASP B 397 -3.47 25.78 -60.65
C ASP B 397 -3.16 25.23 -62.03
N VAL B 398 -3.63 24.04 -62.37
CA VAL B 398 -3.28 23.43 -63.64
C VAL B 398 -3.75 24.33 -64.74
N PHE B 399 -4.90 24.95 -64.55
CA PHE B 399 -5.46 25.85 -65.54
C PHE B 399 -4.66 27.12 -65.77
N SER B 400 -4.01 27.64 -64.74
CA SER B 400 -3.25 28.89 -64.87
C SER B 400 -2.04 28.85 -65.79
N TYR B 401 -1.26 27.80 -65.74
CA TYR B 401 -0.06 27.79 -66.54
C TYR B 401 -0.42 27.56 -68.00
N GLU B 402 0.22 28.28 -68.91
CA GLU B 402 -0.09 28.16 -70.34
C GLU B 402 0.21 26.80 -70.92
N VAL B 403 1.22 26.11 -70.42
CA VAL B 403 1.49 24.76 -70.88
C VAL B 403 1.58 23.92 -69.64
N VAL B 404 1.33 22.63 -69.75
CA VAL B 404 1.36 21.75 -68.60
C VAL B 404 1.92 20.44 -69.04
N MET B 405 2.42 19.67 -68.09
CA MET B 405 3.00 18.39 -68.41
C MET B 405 2.56 17.35 -67.41
N LEU B 406 1.29 16.98 -67.40
CA LEU B 406 0.79 16.06 -66.40
C LEU B 406 1.30 14.65 -66.58
N VAL B 407 1.83 14.03 -65.54
CA VAL B 407 2.43 12.71 -65.64
C VAL B 407 1.80 11.83 -64.61
N GLY B 408 1.12 10.79 -65.03
CA GLY B 408 0.49 9.90 -64.09
C GLY B 408 0.98 8.50 -64.19
N ALA B 409 1.31 7.90 -63.07
CA ALA B 409 1.86 6.58 -63.08
C ALA B 409 0.98 5.58 -62.40
N GLY B 410 0.71 4.47 -63.06
CA GLY B 410 -0.08 3.43 -62.41
C GLY B 410 -1.48 3.81 -62.04
N ILE B 411 -1.79 3.82 -60.75
CA ILE B 411 -3.12 4.19 -60.26
C ILE B 411 -3.19 5.67 -59.98
N GLY B 412 -2.14 6.39 -60.34
CA GLY B 412 -2.10 7.81 -60.13
C GLY B 412 -2.69 8.63 -61.25
N VAL B 413 -3.10 7.99 -62.32
CA VAL B 413 -3.75 8.71 -63.38
C VAL B 413 -5.07 9.28 -62.93
N THR B 414 -5.76 8.60 -62.04
CA THR B 414 -7.09 9.00 -61.59
C THR B 414 -7.34 10.47 -61.29
N PRO B 415 -6.42 11.14 -60.59
CA PRO B 415 -6.76 12.54 -60.37
C PRO B 415 -6.91 13.32 -61.65
N PHE B 416 -6.17 12.97 -62.68
CA PHE B 416 -6.18 13.71 -63.93
C PHE B 416 -7.44 13.57 -64.74
N ALA B 417 -8.27 12.59 -64.47
CA ALA B 417 -9.52 12.50 -65.20
C ALA B 417 -10.45 13.68 -64.97
N SER B 418 -10.57 14.16 -63.74
CA SER B 418 -11.36 15.34 -63.49
C SER B 418 -10.77 16.53 -64.18
N ILE B 419 -9.46 16.69 -64.10
CA ILE B 419 -8.79 17.81 -64.71
C ILE B 419 -8.95 17.77 -66.19
N LEU B 420 -8.72 16.62 -66.80
CA LEU B 420 -8.78 16.53 -68.25
C LEU B 420 -10.18 16.75 -68.76
N LYS B 421 -11.17 16.18 -68.08
CA LYS B 421 -12.56 16.41 -68.46
C LYS B 421 -12.95 17.85 -68.28
N SER B 422 -12.43 18.51 -67.27
CA SER B 422 -12.75 19.92 -67.05
C SER B 422 -12.19 20.88 -68.08
N VAL B 423 -11.03 20.58 -68.63
CA VAL B 423 -10.39 21.49 -69.59
C VAL B 423 -11.28 21.59 -70.79
N TRP B 424 -11.85 20.48 -71.19
CA TRP B 424 -12.69 20.52 -72.35
C TRP B 424 -13.86 21.45 -72.08
N TYR B 425 -14.45 21.39 -70.89
CA TYR B 425 -15.62 22.19 -70.64
C TYR B 425 -15.26 23.64 -70.69
N LYS B 426 -14.12 23.98 -70.14
CA LYS B 426 -13.75 25.38 -70.09
C LYS B 426 -13.40 25.84 -71.47
N TYR B 427 -12.90 24.95 -72.30
CA TYR B 427 -12.62 25.32 -73.67
C TYR B 427 -13.90 25.60 -74.42
N CYS B 428 -14.88 24.74 -74.24
CA CYS B 428 -16.17 24.98 -74.88
C CYS B 428 -16.90 26.17 -74.31
N ASN B 429 -16.92 26.28 -72.99
CA ASN B 429 -17.67 27.37 -72.37
C ASN B 429 -17.13 28.74 -72.68
N ASN B 430 -15.82 28.91 -72.60
CA ASN B 430 -15.26 30.23 -72.81
C ASN B 430 -14.21 30.26 -73.89
N ALA B 431 -13.17 29.43 -73.75
CA ALA B 431 -12.07 29.37 -74.72
C ALA B 431 -11.09 30.50 -74.56
N THR B 432 -11.27 31.31 -73.53
CA THR B 432 -10.36 32.43 -73.27
C THR B 432 -9.95 32.38 -71.81
N ASN B 433 -10.86 31.98 -70.94
CA ASN B 433 -10.56 31.86 -69.52
C ASN B 433 -9.60 30.71 -69.30
N LEU B 434 -9.57 29.76 -70.24
CA LEU B 434 -8.61 28.69 -70.14
C LEU B 434 -7.37 29.34 -70.69
N LYS B 435 -6.41 29.60 -69.81
CA LYS B 435 -5.18 30.16 -70.26
C LYS B 435 -4.45 28.99 -70.87
N LEU B 436 -4.69 27.82 -70.32
CA LEU B 436 -4.01 26.63 -70.81
C LEU B 436 -4.19 26.49 -72.30
N LYS B 437 -3.11 26.11 -72.99
CA LYS B 437 -3.18 25.88 -74.43
C LYS B 437 -2.66 24.52 -74.81
N LYS B 438 -1.72 23.97 -74.06
CA LYS B 438 -1.13 22.68 -74.44
C LYS B 438 -1.05 21.72 -73.28
N ILE B 439 -1.42 20.47 -73.49
CA ILE B 439 -1.32 19.46 -72.45
C ILE B 439 -0.54 18.30 -72.94
N TYR B 440 0.49 17.90 -72.20
CA TYR B 440 1.26 16.73 -72.56
C TYR B 440 1.01 15.73 -71.47
N PHE B 441 0.54 14.54 -71.80
CA PHE B 441 0.18 13.63 -70.75
C PHE B 441 0.94 12.37 -70.91
N TYR B 442 1.57 11.92 -69.84
CA TYR B 442 2.35 10.69 -69.88
C TYR B 442 1.76 9.76 -68.89
N TRP B 443 1.43 8.58 -69.33
CA TRP B 443 0.84 7.63 -68.45
C TRP B 443 1.91 6.64 -68.40
N LEU B 444 2.44 6.37 -67.23
CA LEU B 444 3.42 5.31 -67.14
C LEU B 444 2.70 4.17 -66.42
N CYS B 445 2.50 3.05 -67.07
CA CYS B 445 1.78 1.99 -66.41
C CYS B 445 2.35 0.62 -66.71
N ARG B 446 2.21 -0.31 -65.79
CA ARG B 446 2.67 -1.66 -66.03
C ARG B 446 1.89 -2.23 -67.16
N ASP B 447 0.60 -1.94 -67.13
CA ASP B 447 -0.31 -2.41 -68.16
C ASP B 447 -1.49 -1.46 -68.07
N THR B 448 -2.35 -1.44 -69.08
CA THR B 448 -3.52 -0.57 -69.09
C THR B 448 -4.77 -1.34 -68.74
N HIS B 449 -4.64 -2.53 -68.15
CA HIS B 449 -5.82 -3.38 -67.90
C HIS B 449 -6.91 -2.89 -66.97
N ALA B 450 -6.59 -2.34 -65.82
CA ALA B 450 -7.65 -1.93 -64.93
C ALA B 450 -8.09 -0.51 -65.17
N PHE B 451 -7.30 0.25 -65.92
CA PHE B 451 -7.60 1.65 -66.13
C PHE B 451 -8.01 1.96 -67.54
N GLU B 452 -8.67 1.00 -68.19
CA GLU B 452 -9.07 1.17 -69.58
C GLU B 452 -10.07 2.28 -69.78
N TRP B 453 -10.78 2.64 -68.73
CA TRP B 453 -11.71 3.73 -68.81
C TRP B 453 -10.94 4.97 -69.13
N PHE B 454 -9.73 5.13 -68.57
CA PHE B 454 -8.90 6.30 -68.81
C PHE B 454 -8.40 6.41 -70.22
N ALA B 455 -8.09 5.30 -70.86
CA ALA B 455 -7.66 5.41 -72.21
C ALA B 455 -8.75 6.02 -73.02
N ASP B 456 -9.97 5.60 -72.77
CA ASP B 456 -11.12 6.13 -73.51
C ASP B 456 -11.31 7.60 -73.30
N LEU B 457 -11.09 8.10 -72.09
CA LEU B 457 -11.16 9.53 -71.86
C LEU B 457 -10.10 10.25 -72.67
N LEU B 458 -8.89 9.74 -72.67
CA LEU B 458 -7.81 10.40 -73.37
C LEU B 458 -8.07 10.41 -74.86
N GLN B 459 -8.61 9.34 -75.39
CA GLN B 459 -8.96 9.33 -76.80
C GLN B 459 -10.01 10.37 -77.09
N LEU B 460 -11.00 10.48 -76.23
CA LEU B 460 -12.08 11.42 -76.46
C LEU B 460 -11.64 12.84 -76.45
N LEU B 461 -10.86 13.26 -75.45
CA LEU B 461 -10.50 14.66 -75.35
C LEU B 461 -9.85 15.05 -76.63
N GLU B 462 -8.97 14.20 -77.13
CA GLU B 462 -8.33 14.47 -78.39
C GLU B 462 -9.35 14.50 -79.51
N SER B 463 -10.28 13.55 -79.53
CA SER B 463 -11.25 13.47 -80.62
C SER B 463 -12.14 14.69 -80.66
N GLN B 464 -12.57 15.15 -79.50
CA GLN B 464 -13.38 16.34 -79.44
C GLN B 464 -12.59 17.52 -79.94
N MET B 465 -11.34 17.61 -79.54
CA MET B 465 -10.51 18.69 -80.03
C MET B 465 -10.30 18.60 -81.53
N GLN B 466 -10.08 17.40 -82.04
CA GLN B 466 -9.86 17.23 -83.46
C GLN B 466 -11.09 17.64 -84.24
N GLU B 467 -12.27 17.29 -83.73
CA GLU B 467 -13.51 17.68 -84.39
C GLU B 467 -13.60 19.17 -84.36
N ARG B 468 -13.22 19.77 -83.23
CA ARG B 468 -13.31 21.22 -83.08
C ARG B 468 -12.13 21.93 -83.68
N ASN B 469 -11.35 21.24 -84.50
CA ASN B 469 -10.21 21.85 -85.18
C ASN B 469 -9.15 22.49 -84.31
N ASN B 470 -8.86 21.92 -83.14
CA ASN B 470 -7.76 22.41 -82.31
C ASN B 470 -7.09 21.10 -81.98
N ALA B 471 -6.63 20.39 -83.00
CA ALA B 471 -6.04 19.07 -82.78
C ALA B 471 -4.77 19.20 -81.99
N GLY B 472 -4.27 20.42 -81.88
CA GLY B 472 -3.07 20.66 -81.11
C GLY B 472 -3.15 20.45 -79.61
N PHE B 473 -4.34 20.55 -79.03
CA PHE B 473 -4.43 20.53 -77.57
C PHE B 473 -3.94 19.35 -76.76
N LEU B 474 -4.35 18.13 -77.12
CA LEU B 474 -4.01 16.97 -76.31
C LEU B 474 -3.03 16.01 -76.96
N SER B 475 -1.81 15.95 -76.44
CA SER B 475 -0.84 14.99 -76.95
C SER B 475 -0.56 14.05 -75.80
N TYR B 476 -0.63 12.74 -76.03
CA TYR B 476 -0.48 11.82 -74.93
C TYR B 476 0.31 10.63 -75.31
N ASN B 477 1.01 10.04 -74.36
CA ASN B 477 1.73 8.83 -74.63
C ASN B 477 1.51 7.87 -73.49
N ILE B 478 1.30 6.61 -73.78
CA ILE B 478 1.20 5.62 -72.73
C ILE B 478 2.52 4.93 -72.85
N TYR B 479 3.20 4.69 -71.74
CA TYR B 479 4.49 4.03 -71.77
C TYR B 479 4.31 2.83 -70.89
N LEU B 480 4.63 1.65 -71.36
CA LEU B 480 4.38 0.49 -70.54
C LEU B 480 5.66 0.07 -69.86
N THR B 481 5.68 0.15 -68.53
CA THR B 481 6.88 -0.19 -67.80
C THR B 481 7.21 -1.64 -68.02
N GLY B 482 6.21 -2.50 -68.03
CA GLY B 482 6.45 -3.89 -68.35
C GLY B 482 6.80 -3.99 -69.81
N TRP B 483 7.83 -4.75 -70.17
CA TRP B 483 8.27 -4.81 -71.56
C TRP B 483 9.12 -6.01 -71.87
N GLN B 507 -1.77 9.50 -78.67
CA GLN B 507 -1.12 8.74 -79.71
C GLN B 507 -1.08 7.26 -79.43
N LYS B 508 0.10 6.70 -79.22
CA LYS B 508 0.19 5.25 -79.07
C LYS B 508 1.13 4.76 -77.98
N THR B 509 0.92 3.53 -77.55
CA THR B 509 1.76 2.92 -76.51
C THR B 509 3.22 2.70 -76.89
N LEU B 510 4.11 2.85 -75.93
CA LEU B 510 5.53 2.67 -76.16
C LEU B 510 6.00 1.77 -75.02
N TYR B 511 7.23 1.26 -75.12
CA TYR B 511 7.75 0.35 -74.11
C TYR B 511 8.89 0.92 -73.30
N GLY B 512 8.78 0.84 -71.99
CA GLY B 512 9.79 1.38 -71.13
C GLY B 512 9.49 2.80 -70.74
N ARG B 513 10.11 3.26 -69.68
CA ARG B 513 9.87 4.62 -69.21
C ARG B 513 10.35 5.67 -70.18
N PRO B 514 9.72 6.84 -70.13
CA PRO B 514 10.16 7.95 -70.99
C PRO B 514 11.55 8.45 -70.59
N ASN B 515 12.31 8.93 -71.54
CA ASN B 515 13.59 9.45 -71.18
C ASN B 515 13.25 10.83 -70.82
N TRP B 516 13.26 11.11 -69.53
CA TRP B 516 12.88 12.42 -69.09
C TRP B 516 13.95 13.41 -69.52
N ASP B 517 15.16 12.93 -69.77
CA ASP B 517 16.19 13.82 -70.27
C ASP B 517 15.76 14.29 -71.64
N ASN B 518 15.30 13.38 -72.48
CA ASN B 518 14.80 13.77 -73.79
C ASN B 518 13.52 14.58 -73.81
N GLU B 519 12.54 14.16 -73.01
CA GLU B 519 11.24 14.82 -73.07
C GLU B 519 11.27 16.25 -72.64
N PHE B 520 11.95 16.55 -71.55
CA PHE B 520 11.92 17.91 -71.07
C PHE B 520 12.56 18.86 -72.07
N LYS B 521 13.66 18.45 -72.69
CA LYS B 521 14.33 19.28 -73.69
C LYS B 521 13.46 19.51 -74.93
N THR B 522 12.77 18.47 -75.38
CA THR B 522 11.95 18.59 -76.57
C THR B 522 10.82 19.59 -76.37
N ILE B 523 10.11 19.50 -75.25
CA ILE B 523 9.07 20.46 -75.03
C ILE B 523 9.72 21.80 -74.82
N ALA B 524 10.96 21.79 -74.32
CA ALA B 524 11.69 23.04 -74.15
C ALA B 524 11.95 23.69 -75.48
N SER B 525 12.28 22.91 -76.49
CA SER B 525 12.46 23.48 -77.82
C SER B 525 11.17 24.03 -78.45
N GLN B 526 10.08 23.29 -78.33
CA GLN B 526 8.80 23.72 -78.92
C GLN B 526 8.22 24.97 -78.30
N HIS B 527 8.30 25.04 -76.98
CA HIS B 527 7.78 26.19 -76.28
C HIS B 527 8.93 26.94 -75.68
N PRO B 528 9.32 28.07 -76.30
CA PRO B 528 10.36 28.89 -75.70
C PRO B 528 9.79 30.06 -74.94
N ASN B 529 10.49 30.54 -73.92
CA ASN B 529 10.06 31.70 -73.14
C ASN B 529 8.73 31.52 -72.44
N THR B 530 8.46 30.31 -71.95
CA THR B 530 7.17 30.05 -71.34
C THR B 530 7.28 29.19 -70.10
N ARG B 531 6.43 29.44 -69.09
CA ARG B 531 6.40 28.63 -67.86
C ARG B 531 5.53 27.38 -68.01
N ILE B 532 6.03 26.22 -67.65
CA ILE B 532 5.30 24.98 -67.82
C ILE B 532 5.23 24.29 -66.48
N GLY B 533 4.08 23.74 -66.13
CA GLY B 533 3.94 23.10 -64.84
C GLY B 533 3.93 21.62 -65.00
N VAL B 534 4.82 20.91 -64.31
CA VAL B 534 4.92 19.49 -64.46
C VAL B 534 4.24 18.95 -63.26
N PHE B 535 3.07 18.38 -63.43
CA PHE B 535 2.30 17.93 -62.30
C PHE B 535 2.42 16.46 -62.19
N LEU B 536 2.86 15.96 -61.05
CA LEU B 536 3.07 14.55 -60.94
C LEU B 536 2.19 13.86 -59.95
N CYS B 537 1.56 12.77 -60.35
CA CYS B 537 0.84 11.97 -59.38
C CYS B 537 1.39 10.60 -59.60
N GLY B 538 2.56 10.33 -59.02
CA GLY B 538 3.19 9.04 -59.20
C GLY B 538 4.18 8.77 -58.11
N PRO B 539 4.94 7.65 -58.21
CA PRO B 539 5.82 7.36 -57.08
C PRO B 539 6.87 8.40 -56.74
N GLU B 540 7.43 8.32 -55.55
CA GLU B 540 8.43 9.28 -55.10
C GLU B 540 9.70 9.25 -55.93
N ALA B 541 10.09 8.09 -56.39
CA ALA B 541 11.25 8.01 -57.24
C ALA B 541 11.02 8.85 -58.48
N LEU B 542 9.83 8.75 -59.07
CA LEU B 542 9.48 9.55 -60.23
C LEU B 542 9.45 11.01 -59.88
N ALA B 543 9.00 11.32 -58.66
CA ALA B 543 8.94 12.70 -58.22
C ALA B 543 10.29 13.40 -58.12
N GLU B 544 11.31 12.68 -57.66
CA GLU B 544 12.62 13.27 -57.59
C GLU B 544 13.14 13.38 -59.00
N THR B 545 12.82 12.41 -59.85
CA THR B 545 13.34 12.42 -61.21
C THR B 545 12.84 13.62 -61.96
N LEU B 546 11.55 13.89 -61.87
CA LEU B 546 11.00 15.05 -62.51
C LEU B 546 11.48 16.36 -61.90
N SER B 547 11.58 16.47 -60.58
CA SER B 547 11.99 17.75 -60.01
C SER B 547 13.40 18.05 -60.44
N LYS B 548 14.25 17.02 -60.47
CA LYS B 548 15.62 17.21 -60.91
C LYS B 548 15.61 17.61 -62.35
N GLN B 549 14.78 16.95 -63.16
CA GLN B 549 14.69 17.30 -64.57
C GLN B 549 14.15 18.70 -64.74
N SER B 550 13.20 19.11 -63.90
CA SER B 550 12.67 20.43 -64.08
C SER B 550 13.78 21.40 -63.96
N ILE B 551 14.51 21.36 -62.86
CA ILE B 551 15.55 22.36 -62.62
C ILE B 551 16.73 22.39 -63.60
N SER B 552 17.20 21.23 -64.02
CA SER B 552 18.25 21.27 -65.01
C SER B 552 17.73 21.94 -66.24
N ASN B 553 16.52 21.58 -66.65
CA ASN B 553 15.90 22.16 -67.85
C ASN B 553 15.49 23.62 -67.80
N SER B 554 15.00 24.07 -66.66
CA SER B 554 14.55 25.45 -66.51
C SER B 554 15.68 26.45 -66.65
N GLU B 555 15.47 27.48 -67.46
CA GLU B 555 16.50 28.47 -67.71
C GLU B 555 16.52 29.51 -66.63
N SER B 556 17.72 29.88 -66.20
CA SER B 556 17.86 30.85 -65.12
C SER B 556 17.32 32.21 -65.52
N GLY B 557 17.55 32.61 -66.75
CA GLY B 557 17.14 33.94 -67.19
C GLY B 557 15.66 34.19 -67.16
N PRO B 558 15.25 35.46 -66.98
CA PRO B 558 13.82 35.78 -66.88
C PRO B 558 13.11 35.37 -68.16
N ARG B 559 13.74 35.57 -69.31
CA ARG B 559 13.16 35.13 -70.58
C ARG B 559 13.03 33.63 -70.61
N GLY B 560 13.97 32.91 -70.03
CA GLY B 560 13.96 31.46 -70.17
C GLY B 560 12.81 30.61 -69.68
N VAL B 561 12.61 29.46 -70.33
CA VAL B 561 11.57 28.55 -69.92
C VAL B 561 11.80 28.08 -68.52
N HIS B 562 10.78 28.09 -67.69
CA HIS B 562 10.89 27.57 -66.34
C HIS B 562 9.95 26.39 -66.31
N PHE B 563 10.21 25.40 -65.46
CA PHE B 563 9.38 24.22 -65.43
C PHE B 563 8.93 23.96 -64.01
N ILE B 564 7.98 24.73 -63.50
CA ILE B 564 7.56 24.59 -62.11
C ILE B 564 7.03 23.20 -61.88
N PHE B 565 7.34 22.60 -60.74
CA PHE B 565 6.95 21.23 -60.49
C PHE B 565 5.99 21.19 -59.33
N ASN B 566 4.86 20.56 -59.51
CA ASN B 566 3.94 20.42 -58.42
C ASN B 566 3.67 18.94 -58.33
N LYS B 567 3.67 18.39 -57.11
CA LYS B 567 3.41 16.95 -56.91
C LYS B 567 2.14 16.70 -56.14
N GLU B 568 1.13 16.15 -56.78
CA GLU B 568 -0.14 15.93 -56.13
C GLU B 568 -0.03 14.76 -55.20
N UNK C 1 -10.88 -0.86 21.23
CA UNK C 1 -10.01 -1.46 22.23
C UNK C 1 -9.35 -2.72 21.72
N UNK C 2 -8.23 -2.56 21.01
CA UNK C 2 -7.43 -3.71 20.62
C UNK C 2 -6.87 -4.36 21.87
N UNK C 3 -7.09 -5.67 22.00
CA UNK C 3 -6.74 -6.39 23.22
C UNK C 3 -5.44 -7.17 22.98
N UNK C 4 -4.44 -6.90 23.80
CA UNK C 4 -3.15 -7.59 23.73
C UNK C 4 -3.14 -8.70 24.78
N UNK C 5 -2.71 -9.88 24.36
CA UNK C 5 -2.59 -11.03 25.25
C UNK C 5 -1.16 -11.55 25.22
N UNK C 6 -0.57 -11.69 26.40
CA UNK C 6 0.68 -12.42 26.54
C UNK C 6 0.34 -13.87 26.85
N UNK C 7 0.77 -14.77 25.96
CA UNK C 7 0.39 -16.18 26.06
C UNK C 7 0.92 -16.80 27.35
N UNK C 8 2.11 -16.40 27.77
CA UNK C 8 2.73 -16.86 29.00
C UNK C 8 2.58 -15.80 30.08
N UNK C 9 2.41 -16.24 31.32
CA UNK C 9 2.43 -15.34 32.48
C UNK C 9 3.58 -15.61 33.43
N UNK C 10 4.25 -16.76 33.34
CA UNK C 10 5.36 -17.11 34.21
C UNK C 10 6.40 -17.86 33.40
N UNK C 11 7.64 -17.38 33.44
CA UNK C 11 8.73 -17.93 32.63
C UNK C 11 9.97 -18.07 33.48
N UNK C 12 10.44 -19.31 33.66
CA UNK C 12 11.58 -19.62 34.50
C UNK C 12 12.75 -20.09 33.65
N UNK C 13 13.92 -19.47 33.85
CA UNK C 13 15.16 -19.92 33.21
C UNK C 13 16.34 -19.37 33.99
N UNK C 14 17.50 -19.99 33.76
CA UNK C 14 18.72 -19.70 34.51
C UNK C 14 19.52 -18.58 33.85
N UNK C 15 20.65 -18.23 34.48
CA UNK C 15 21.54 -17.18 34.00
C UNK C 15 22.16 -17.56 32.66
N UNK C 16 22.43 -16.54 31.84
CA UNK C 16 23.07 -16.77 30.55
C UNK C 16 22.26 -17.62 29.60
N UNK C 17 20.95 -17.45 29.61
CA UNK C 17 20.02 -18.22 28.79
C UNK C 17 19.14 -17.26 28.00
N UNK C 18 18.52 -17.74 26.93
CA UNK C 18 17.70 -16.88 26.09
C UNK C 18 16.25 -17.00 26.55
N UNK C 19 15.63 -15.89 26.95
CA UNK C 19 14.21 -15.94 27.30
C UNK C 19 13.42 -15.07 26.36
N UNK C 20 12.28 -15.58 25.92
CA UNK C 20 11.40 -14.91 24.98
C UNK C 20 10.00 -14.80 25.57
N UNK C 21 9.50 -13.57 25.57
CA UNK C 21 8.13 -13.24 25.94
C UNK C 21 7.40 -12.91 24.65
N UNK C 22 6.22 -13.53 24.46
CA UNK C 22 5.43 -13.40 23.25
C UNK C 22 4.17 -12.59 23.54
N UNK C 23 3.96 -11.55 22.73
CA UNK C 23 2.79 -10.70 22.83
C UNK C 23 2.03 -10.75 21.51
N UNK C 24 0.73 -11.01 21.60
CA UNK C 24 -0.15 -11.11 20.44
C UNK C 24 -1.26 -10.08 20.57
N UNK C 25 -1.40 -9.26 19.55
CA UNK C 25 -2.45 -8.25 19.49
C UNK C 25 -3.67 -8.83 18.78
N UNK C 26 -4.85 -8.54 19.31
CA UNK C 26 -6.10 -9.01 18.70
C UNK C 26 -6.30 -8.46 17.29
N UNK C 27 -5.74 -7.29 17.01
CA UNK C 27 -5.87 -6.63 15.73
C UNK C 27 -4.49 -6.17 15.29
N UNK C 28 -4.27 -6.15 13.97
CA UNK C 28 -2.97 -5.80 13.42
C UNK C 28 -2.56 -4.39 13.82
N UNK C 29 -1.44 -4.25 14.53
CA UNK C 29 -0.95 -2.96 15.01
C UNK C 29 0.26 -2.79 14.18
N UNK C 30 0.52 -1.62 13.67
CA UNK C 30 1.61 -1.50 12.74
C UNK C 30 2.95 -1.28 13.35
N UNK C 31 3.57 -2.35 13.83
CA UNK C 31 4.87 -2.27 14.48
C UNK C 31 4.78 -1.31 15.63
N UNK C 32 3.57 -0.92 15.97
CA UNK C 32 3.41 0.06 17.05
C UNK C 32 3.26 -0.69 18.37
N UNK C 33 4.39 -1.15 18.90
CA UNK C 33 4.39 -1.87 20.17
C UNK C 33 5.54 -1.38 21.04
N UNK C 34 5.31 -1.39 22.34
CA UNK C 34 6.29 -0.98 23.34
C UNK C 34 6.45 -2.09 24.37
N UNK C 35 7.67 -2.20 24.90
CA UNK C 35 8.04 -3.19 25.89
C UNK C 35 8.57 -2.48 27.13
N UNK C 36 7.98 -2.80 28.28
CA UNK C 36 8.34 -2.24 29.57
C UNK C 36 8.69 -3.35 30.56
N UNK C 37 9.58 -3.02 31.49
CA UNK C 37 9.95 -3.88 32.60
C UNK C 37 9.60 -3.19 33.91
N UNK C 38 8.93 -3.92 34.80
CA UNK C 38 8.57 -3.42 36.13
C UNK C 38 9.17 -4.33 37.19
N UNK C 39 10.15 -3.79 37.92
CA UNK C 39 10.85 -4.53 38.95
C UNK C 39 9.92 -4.79 40.14
N UNK C 40 10.25 -5.77 40.99
CA UNK C 40 9.39 -6.06 42.17
C UNK C 40 9.22 -4.91 43.13
N UNK C 41 10.15 -3.96 43.23
CA UNK C 41 9.94 -2.78 44.06
C UNK C 41 8.95 -1.86 43.37
N UNK C 42 8.36 -2.30 42.26
CA UNK C 42 7.39 -1.51 41.47
C UNK C 42 7.84 -0.30 40.63
N UNK C 43 9.11 -0.20 40.26
CA UNK C 43 9.58 0.90 39.44
C UNK C 43 9.53 0.50 37.98
N UNK C 44 9.19 1.42 37.09
CA UNK C 44 9.06 1.01 35.70
C UNK C 44 9.94 1.93 34.84
N UNK C 45 10.53 1.36 33.80
CA UNK C 45 11.26 2.13 32.80
C UNK C 45 11.07 1.46 31.46
N UNK C 46 10.93 2.27 30.41
CA UNK C 46 10.72 1.75 29.07
C UNK C 46 11.96 0.99 28.59
N UNK C 47 11.73 -0.19 28.02
CA UNK C 47 12.79 -0.95 27.39
C UNK C 47 12.86 -0.68 25.89
N UNK C 48 11.77 -0.94 25.17
CA UNK C 48 11.76 -0.76 23.71
C UNK C 48 10.61 0.10 23.17
N UNK C 49 10.93 1.22 22.53
CA UNK C 49 9.89 2.15 22.02
C UNK C 49 8.95 1.69 20.90
N UNK C 50 9.47 1.02 19.87
CA UNK C 50 8.64 0.60 18.72
C UNK C 50 9.21 -0.69 18.22
N UNK C 51 8.48 -1.81 18.33
CA UNK C 51 9.03 -3.12 18.02
C UNK C 51 10.52 -3.08 18.36
N UNK C 52 11.38 -3.00 17.39
CA UNK C 52 12.81 -3.03 17.63
C UNK C 52 13.56 -1.95 18.41
N UNK C 53 13.22 -0.68 18.26
CA UNK C 53 14.01 0.41 18.87
C UNK C 53 14.38 0.36 20.33
N UNK C 54 15.67 0.42 20.64
CA UNK C 54 16.16 0.35 22.01
C UNK C 54 16.04 1.71 22.69
N UNK C 55 15.66 1.75 23.95
CA UNK C 55 15.61 3.06 24.54
C UNK C 55 17.02 3.39 24.96
N UNK C 56 17.25 4.62 25.35
CA UNK C 56 18.56 4.99 25.79
C UNK C 56 18.93 4.19 27.01
N UNK C 57 20.19 3.75 27.09
CA UNK C 57 20.68 3.03 28.28
C UNK C 57 20.04 1.71 28.71
N UNK C 58 19.18 1.14 27.89
CA UNK C 58 18.64 -0.16 28.20
C UNK C 58 19.74 -1.09 27.71
N UNK C 59 19.96 -2.20 28.39
CA UNK C 59 21.04 -3.08 28.02
C UNK C 59 20.85 -3.71 26.66
N UNK C 60 21.94 -4.07 26.00
CA UNK C 60 21.87 -4.65 24.66
C UNK C 60 21.20 -6.00 24.59
N UNK C 61 21.12 -6.72 25.69
CA UNK C 61 20.56 -8.06 25.65
C UNK C 61 19.14 -8.02 25.16
N UNK C 62 18.40 -7.00 25.53
CA UNK C 62 17.02 -6.89 25.14
C UNK C 62 16.79 -6.58 23.66
N UNK C 63 16.53 -7.61 22.85
CA UNK C 63 16.19 -7.39 21.45
C UNK C 63 14.76 -7.84 21.21
N UNK C 64 14.02 -7.00 20.49
CA UNK C 64 12.64 -7.28 20.20
C UNK C 64 12.37 -7.33 18.72
N UNK C 65 11.53 -8.26 18.29
CA UNK C 65 11.23 -8.46 16.90
C UNK C 65 9.74 -8.59 16.73
N UNK C 66 9.17 -8.02 15.69
CA UNK C 66 7.75 -8.19 15.49
C UNK C 66 7.15 -7.77 14.18
N UNK C 67 6.00 -8.34 13.85
CA UNK C 67 5.28 -7.90 12.68
C UNK C 67 3.80 -7.93 12.93
N UNK C 68 3.10 -6.85 12.62
CA UNK C 68 1.63 -6.87 12.72
C UNK C 68 1.12 -7.30 14.06
N UNK C 69 0.31 -8.35 14.06
CA UNK C 69 -0.23 -8.88 15.31
C UNK C 69 0.70 -9.75 16.19
N UNK C 70 1.80 -10.31 15.69
CA UNK C 70 2.72 -11.08 16.56
C UNK C 70 4.02 -10.42 16.92
N UNK C 71 4.33 -10.33 18.20
CA UNK C 71 5.52 -9.62 18.67
C UNK C 71 6.31 -10.39 19.68
N UNK C 72 7.58 -10.05 19.85
CA UNK C 72 8.42 -10.77 20.78
C UNK C 72 9.53 -9.97 21.39
N UNK C 73 9.85 -10.24 22.63
CA UNK C 73 10.98 -9.61 23.29
C UNK C 73 11.87 -10.70 23.90
N UNK C 74 13.18 -10.63 23.66
CA UNK C 74 14.08 -11.66 24.15
C UNK C 74 15.31 -11.07 24.83
N UNK C 75 15.74 -11.76 25.88
CA UNK C 75 16.97 -11.45 26.59
C UNK C 75 17.98 -12.57 26.32
N UNK C 76 19.15 -12.17 25.79
CA UNK C 76 20.25 -13.05 25.44
C UNK C 76 20.85 -13.79 26.62
N UNK C 77 21.34 -13.04 27.60
CA UNK C 77 21.87 -13.58 28.84
C UNK C 77 21.20 -12.85 29.99
N UNK C 78 20.74 -13.62 30.97
CA UNK C 78 19.94 -13.08 32.05
C UNK C 78 20.86 -12.84 33.22
N UNK C 79 20.94 -11.60 33.67
CA UNK C 79 21.69 -11.34 34.88
C UNK C 79 20.72 -11.24 36.03
N UNK C 80 21.23 -10.95 37.22
CA UNK C 80 20.35 -10.85 38.40
C UNK C 80 19.41 -9.67 38.28
N UNK C 81 19.83 -8.60 37.62
CA UNK C 81 19.00 -7.42 37.48
C UNK C 81 17.71 -7.70 36.72
N UNK C 82 17.69 -8.73 35.88
CA UNK C 82 16.65 -8.82 34.85
C UNK C 82 15.30 -9.23 35.40
N UNK C 83 15.26 -9.87 36.56
CA UNK C 83 14.01 -10.40 37.09
C UNK C 83 13.04 -9.25 37.36
N UNK C 84 11.86 -9.34 36.74
CA UNK C 84 10.79 -8.33 36.76
C UNK C 84 9.59 -8.86 36.02
N UNK C 85 8.55 -8.04 35.94
CA UNK C 85 7.41 -8.41 35.12
C UNK C 85 7.65 -7.57 33.89
N UNK C 86 7.34 -8.10 32.73
CA UNK C 86 7.57 -7.38 31.50
C UNK C 86 6.28 -7.19 30.78
N UNK C 87 5.92 -5.96 30.49
CA UNK C 87 4.62 -5.67 29.92
C UNK C 87 4.69 -5.02 28.59
N UNK C 88 3.92 -5.50 27.63
CA UNK C 88 3.87 -4.90 26.32
C UNK C 88 2.81 -3.85 26.29
N UNK C 89 2.72 -3.12 25.19
CA UNK C 89 1.75 -2.05 25.04
C UNK C 89 1.60 -1.73 23.56
N UNK C 90 0.42 -1.26 23.18
CA UNK C 90 0.17 -0.76 21.84
C UNK C 90 -0.01 0.74 21.87
N UNK C 91 0.32 1.40 20.76
CA UNK C 91 0.07 2.82 20.58
C UNK C 91 -0.55 3.05 19.22
N UNK C 92 -0.98 1.96 18.57
CA UNK C 92 -1.47 2.05 17.20
C UNK C 92 -2.83 2.73 17.14
N UNK C 93 -3.72 2.43 18.07
CA UNK C 93 -5.02 3.10 18.11
C UNK C 93 -5.47 3.20 19.56
N UNK C 94 -6.08 4.34 19.89
CA UNK C 94 -6.61 4.53 21.23
C UNK C 94 -7.80 3.61 21.47
N UNK C 95 -7.95 3.07 22.70
CA UNK C 95 -7.09 3.22 23.87
C UNK C 95 -5.80 2.40 23.80
N UNK C 96 -4.75 2.86 24.48
CA UNK C 96 -3.45 2.20 24.47
C UNK C 96 -3.48 1.05 25.48
N UNK C 97 -3.94 -0.09 25.04
CA UNK C 97 -3.99 -1.23 25.88
C UNK C 97 -2.60 -1.74 26.18
N UNK C 98 -2.42 -2.39 27.32
CA UNK C 98 -1.16 -2.97 27.70
C UNK C 98 -1.38 -4.47 27.83
N UNK C 99 -0.35 -5.26 27.70
CA UNK C 99 -0.50 -6.67 27.85
C UNK C 99 -0.25 -6.96 29.27
N UNK C 100 -0.75 -8.08 29.74
CA UNK C 100 -0.46 -8.46 31.09
C UNK C 100 0.96 -8.91 31.07
N UNK C 101 1.60 -8.89 32.20
CA UNK C 101 3.00 -9.22 32.23
C UNK C 101 3.35 -10.66 32.14
N UNK C 102 4.59 -10.94 31.78
CA UNK C 102 5.07 -12.29 31.84
C UNK C 102 6.16 -12.08 32.87
N UNK C 103 6.04 -12.73 34.01
CA UNK C 103 7.01 -12.52 35.05
C UNK C 103 8.22 -13.34 34.74
N UNK C 104 9.34 -13.04 35.35
CA UNK C 104 10.61 -13.68 35.02
C UNK C 104 11.33 -13.97 36.33
N UNK C 105 11.58 -15.25 36.59
CA UNK C 105 12.29 -15.69 37.77
C UNK C 105 13.58 -16.36 37.33
N UNK C 106 14.68 -16.00 37.96
CA UNK C 106 15.95 -16.61 37.64
C UNK C 106 15.97 -18.00 38.25
N UNK C 107 16.13 -19.00 37.40
CA UNK C 107 16.24 -20.37 37.88
C UNK C 107 17.55 -20.53 38.64
N UNK C 108 17.46 -21.23 39.76
CA UNK C 108 18.60 -21.46 40.62
C UNK C 108 18.53 -22.90 41.10
N UNK C 109 19.66 -23.39 41.59
CA UNK C 109 19.71 -24.73 42.16
C UNK C 109 18.75 -24.83 43.34
N UNK C 110 18.07 -25.98 43.43
CA UNK C 110 17.11 -26.20 44.49
C UNK C 110 17.78 -26.14 45.85
N UNK C 111 17.09 -25.50 46.80
CA UNK C 111 17.58 -25.36 48.16
C UNK C 111 16.46 -25.62 49.14
N UNK C 112 16.78 -26.10 50.34
CA UNK C 112 15.77 -26.42 51.36
C UNK C 112 15.30 -25.28 52.22
N UNK C 113 14.17 -25.46 52.92
CA UNK C 113 13.62 -24.41 53.74
C UNK C 113 14.03 -24.56 55.17
N UNK C 114 14.50 -23.48 55.81
CA UNK C 114 14.87 -23.51 57.23
C UNK C 114 13.60 -23.28 58.00
N UNK C 115 12.98 -24.34 58.53
CA UNK C 115 11.67 -24.15 59.14
C UNK C 115 11.89 -23.84 60.61
N UNK C 116 11.15 -22.85 61.12
CA UNK C 116 11.27 -22.43 62.51
C UNK C 116 9.92 -21.95 63.02
N UNK C 117 9.49 -22.49 64.17
CA UNK C 117 8.15 -22.21 64.70
C UNK C 117 8.28 -21.21 65.84
N UNK C 118 7.26 -20.36 66.00
CA UNK C 118 7.25 -19.37 67.06
C UNK C 118 5.96 -19.44 67.86
N UNK C 119 6.09 -19.52 69.19
CA UNK C 119 4.93 -19.55 70.06
C UNK C 119 4.23 -18.21 70.08
N UNK C 120 2.94 -18.16 70.42
CA UNK C 120 2.23 -16.88 70.45
C UNK C 120 2.76 -15.96 71.53
N UNK C 121 2.87 -14.69 71.16
CA UNK C 121 3.37 -13.66 72.04
C UNK C 121 2.46 -13.48 73.23
N UNK C 122 3.07 -13.18 74.37
CA UNK C 122 2.32 -12.95 75.60
C UNK C 122 1.40 -11.73 75.45
N UNK C 123 1.89 -10.68 74.78
CA UNK C 123 1.06 -9.51 74.47
C UNK C 123 -0.20 -9.90 73.70
N UNK C 124 -0.04 -10.78 72.71
CA UNK C 124 -1.20 -11.32 72.00
C UNK C 124 -2.06 -12.18 72.92
N UNK C 125 -1.43 -12.91 73.84
CA UNK C 125 -2.17 -13.82 74.69
C UNK C 125 -3.05 -13.11 75.70
N UNK C 126 -2.63 -11.91 76.13
CA UNK C 126 -3.38 -11.14 77.11
C UNK C 126 -4.67 -10.73 76.47
N UNK C 127 -4.59 -10.16 75.28
CA UNK C 127 -5.79 -9.82 74.54
C UNK C 127 -6.36 -11.14 74.06
N UNK C 128 -7.60 -11.16 73.61
CA UNK C 128 -8.19 -12.44 73.24
C UNK C 128 -7.73 -12.82 71.86
N UNK C 129 -6.51 -13.33 71.74
CA UNK C 129 -5.97 -13.70 70.46
C UNK C 129 -4.82 -14.62 70.74
N UNK C 130 -4.40 -15.41 69.76
CA UNK C 130 -3.25 -16.26 69.94
C UNK C 130 -2.83 -16.70 68.58
N UNK C 131 -1.64 -16.31 68.16
CA UNK C 131 -1.19 -16.59 66.81
C UNK C 131 0.09 -17.40 66.83
N UNK C 132 0.16 -18.49 66.07
CA UNK C 132 1.40 -19.26 65.98
C UNK C 132 1.98 -19.06 64.58
N UNK C 133 3.27 -18.76 64.49
CA UNK C 133 3.83 -18.37 63.20
C UNK C 133 4.99 -19.28 62.82
N UNK C 134 4.94 -19.81 61.60
CA UNK C 134 5.99 -20.68 61.06
C UNK C 134 6.74 -19.93 59.97
N UNK C 135 8.02 -19.69 60.12
CA UNK C 135 8.70 -18.94 59.10
C UNK C 135 9.65 -19.88 58.42
N UNK C 136 9.41 -20.15 57.13
CA UNK C 136 10.24 -21.09 56.39
C UNK C 136 11.08 -20.27 55.47
N UNK C 137 12.38 -20.20 55.67
CA UNK C 137 13.17 -19.27 54.88
C UNK C 137 14.24 -19.81 53.94
N UNK C 138 14.63 -19.00 52.95
CA UNK C 138 15.64 -19.41 51.97
C UNK C 138 15.43 -20.70 51.15
N UNK C 139 14.39 -20.78 50.32
CA UNK C 139 14.05 -21.99 49.55
C UNK C 139 14.12 -21.71 48.05
N UNK C 140 14.35 -22.71 47.20
CA UNK C 140 14.53 -22.39 45.78
C UNK C 140 13.54 -22.83 44.79
N UNK C 141 12.58 -23.65 45.18
CA UNK C 141 11.47 -23.96 44.32
C UNK C 141 10.35 -23.31 45.15
N UNK C 142 9.60 -22.34 44.61
CA UNK C 142 8.60 -21.58 45.41
C UNK C 142 7.51 -22.43 45.97
N UNK C 143 7.14 -23.44 45.24
CA UNK C 143 6.05 -24.31 45.65
C UNK C 143 6.46 -25.12 46.86
N UNK C 144 5.99 -24.70 48.03
CA UNK C 144 6.19 -25.43 49.27
C UNK C 144 4.84 -25.59 49.94
N UNK C 145 4.61 -26.74 50.59
CA UNK C 145 3.33 -27.02 51.20
C UNK C 145 3.50 -27.16 52.70
N UNK C 146 2.83 -26.29 53.46
CA UNK C 146 2.90 -26.32 54.92
C UNK C 146 1.56 -26.78 55.45
N UNK C 147 1.60 -27.61 56.49
CA UNK C 147 0.40 -28.01 57.20
C UNK C 147 0.60 -27.79 58.69
N UNK C 148 -0.46 -27.37 59.35
CA UNK C 148 -0.46 -27.10 60.77
C UNK C 148 -1.18 -28.23 61.47
N UNK C 149 -0.57 -28.80 62.50
CA UNK C 149 -1.24 -29.83 63.28
C UNK C 149 -1.27 -29.45 64.76
N UNK C 150 -2.37 -29.86 65.39
CA UNK C 150 -2.61 -29.71 66.81
C UNK C 150 -2.80 -31.10 67.37
N UNK C 151 -1.81 -31.57 68.14
CA UNK C 151 -1.81 -32.88 68.77
C UNK C 151 -2.11 -34.00 67.77
N UNK C 152 -1.46 -33.92 66.62
CA UNK C 152 -1.64 -34.87 65.56
C UNK C 152 -2.83 -34.63 64.64
N UNK C 153 -3.54 -33.51 64.78
CA UNK C 153 -4.73 -33.24 63.97
C UNK C 153 -4.50 -32.00 63.10
N UNK C 154 -4.67 -32.17 61.78
CA UNK C 154 -4.42 -31.07 60.85
C UNK C 154 -5.49 -29.99 60.98
N UNK C 155 -5.07 -28.73 60.85
CA UNK C 155 -5.95 -27.57 60.92
C UNK C 155 -5.79 -26.73 59.65
N UNK C 156 -6.92 -26.29 59.13
CA UNK C 156 -7.01 -25.58 57.88
C UNK C 156 -7.79 -24.27 58.02
N UNK C 157 -8.37 -24.02 59.19
CA UNK C 157 -9.14 -22.81 59.45
C UNK C 157 -8.21 -21.70 59.94
N UNK C 158 -8.38 -20.51 59.37
CA UNK C 158 -7.61 -19.35 59.79
C UNK C 158 -6.12 -19.44 59.53
N UNK C 159 -5.73 -19.92 58.36
CA UNK C 159 -4.33 -20.03 57.96
C UNK C 159 -4.03 -18.91 56.98
N UNK C 160 -2.92 -18.20 57.20
CA UNK C 160 -2.49 -17.13 56.32
C UNK C 160 -1.05 -17.37 55.89
N UNK C 161 -0.76 -17.16 54.61
CA UNK C 161 0.48 -17.62 54.01
C UNK C 161 1.07 -16.54 53.10
N UNK C 162 2.18 -15.92 53.51
CA UNK C 162 2.81 -14.85 52.73
C UNK C 162 4.10 -15.34 52.08
N UNK C 163 4.17 -15.18 50.75
CA UNK C 163 5.35 -15.51 49.95
C UNK C 163 6.04 -14.22 49.53
N UNK C 164 7.30 -14.07 49.90
CA UNK C 164 8.07 -12.94 49.38
C UNK C 164 8.53 -13.22 47.96
N UNK C 165 8.85 -12.15 47.25
CA UNK C 165 9.39 -12.28 45.90
C UNK C 165 10.84 -12.74 45.96
N UNK C 166 11.40 -13.05 44.79
CA UNK C 166 12.76 -13.58 44.75
C UNK C 166 13.78 -12.51 45.10
N UNK C 167 14.64 -12.83 46.06
CA UNK C 167 15.64 -11.90 46.57
C UNK C 167 16.63 -11.54 45.47
N UNK C 168 17.19 -10.33 45.58
CA UNK C 168 18.04 -9.79 44.52
C UNK C 168 19.34 -10.59 44.39
N UNK C 169 20.00 -10.87 45.51
CA UNK C 169 21.31 -11.52 45.49
C UNK C 169 21.21 -13.03 45.63
N UNK C 170 20.59 -13.50 46.72
CA UNK C 170 20.50 -14.93 46.99
C UNK C 170 19.64 -15.66 45.97
N UNK C 171 18.67 -14.96 45.38
CA UNK C 171 17.70 -15.53 44.44
C UNK C 171 16.93 -16.69 45.06
N UNK C 172 16.59 -16.54 46.35
CA UNK C 172 15.82 -17.53 47.09
C UNK C 172 14.51 -16.91 47.57
N UNK C 173 13.48 -17.75 47.65
CA UNK C 173 12.21 -17.38 48.23
C UNK C 173 12.19 -17.71 49.72
N UNK C 174 11.34 -17.00 50.46
CA UNK C 174 11.11 -17.32 51.86
C UNK C 174 9.62 -17.14 52.03
N UNK C 175 8.98 -17.86 52.95
CA UNK C 175 7.57 -17.70 53.22
C UNK C 175 7.22 -17.64 54.68
N UNK C 176 6.08 -17.05 55.02
CA UNK C 176 5.64 -16.98 56.39
C UNK C 176 4.31 -17.62 56.50
N UNK C 177 4.01 -18.14 57.66
CA UNK C 177 2.68 -18.70 57.91
C UNK C 177 2.19 -18.27 59.27
N UNK C 178 0.87 -18.10 59.36
CA UNK C 178 0.22 -17.62 60.58
C UNK C 178 -1.07 -18.41 60.78
N UNK C 179 -1.16 -19.12 61.91
CA UNK C 179 -2.36 -19.82 62.34
C UNK C 179 -2.91 -19.01 63.52
N UNK C 180 -3.91 -18.19 63.22
CA UNK C 180 -4.64 -17.44 64.23
C UNK C 180 -5.67 -18.33 64.90
N UNK C 181 -5.76 -18.23 66.22
CA UNK C 181 -6.61 -19.04 67.07
C UNK C 181 -7.25 -18.12 68.08
N UNK C 182 -8.35 -18.56 68.67
CA UNK C 182 -8.89 -17.88 69.85
C UNK C 182 -8.01 -18.19 71.05
N UNK C 183 -7.98 -17.27 72.03
CA UNK C 183 -7.17 -17.48 73.23
C UNK C 183 -7.63 -18.70 74.02
N UNK C 184 -8.94 -18.86 74.16
CA UNK C 184 -9.50 -20.07 74.78
C UNK C 184 -9.15 -21.32 73.96
N UNK C 185 -9.29 -21.23 72.63
CA UNK C 185 -8.99 -22.35 71.76
C UNK C 185 -7.52 -22.74 71.84
N UNK C 186 -6.63 -21.74 71.88
CA UNK C 186 -5.21 -22.01 72.09
C UNK C 186 -4.96 -22.65 73.44
N UNK C 187 -5.69 -22.20 74.47
CA UNK C 187 -5.50 -22.75 75.81
C UNK C 187 -5.91 -24.22 75.90
N UNK C 188 -6.82 -24.65 75.03
CA UNK C 188 -7.37 -26.00 75.14
C UNK C 188 -6.34 -27.10 74.88
N UNK C 189 -5.41 -26.90 73.95
CA UNK C 189 -4.50 -27.95 73.52
C UNK C 189 -3.09 -27.71 74.05
N UNK C 190 -2.18 -28.64 73.74
CA UNK C 190 -0.81 -28.58 74.25
C UNK C 190 0.23 -28.42 73.15
N UNK C 191 0.32 -29.34 72.19
CA UNK C 191 1.40 -29.36 71.22
C UNK C 191 0.93 -28.76 69.89
N UNK C 192 1.77 -27.90 69.32
CA UNK C 192 1.50 -27.33 68.01
C UNK C 192 2.69 -27.63 67.11
N UNK C 193 2.42 -28.10 65.89
CA UNK C 193 3.51 -28.45 65.00
C UNK C 193 3.23 -27.97 63.57
N UNK C 194 4.33 -27.63 62.90
CA UNK C 194 4.36 -27.15 61.52
C UNK C 194 5.13 -28.16 60.71
N UNK C 195 4.47 -28.78 59.73
CA UNK C 195 5.09 -29.79 58.87
C UNK C 195 5.20 -29.21 57.47
N UNK C 196 6.42 -29.03 56.99
CA UNK C 196 6.69 -28.39 55.72
C UNK C 196 7.23 -29.43 54.74
N UNK C 197 6.41 -29.79 53.75
CA UNK C 197 6.81 -30.67 52.68
C UNK C 197 7.30 -29.82 51.51
N UNK C 198 8.55 -30.05 51.12
CA UNK C 198 9.19 -29.36 50.02
C UNK C 198 9.69 -30.41 49.04
N UNK C 199 9.90 -29.99 47.79
CA UNK C 199 10.39 -30.92 46.78
C UNK C 199 11.74 -31.48 47.19
N UNK C 200 12.50 -30.72 47.97
CA UNK C 200 13.82 -31.15 48.40
C UNK C 200 13.81 -32.42 49.26
N UNK C 201 12.87 -32.50 50.19
CA UNK C 201 12.82 -33.66 51.08
C UNK C 201 11.49 -34.39 51.05
N UNK C 202 11.53 -35.71 50.86
CA UNK C 202 10.30 -36.50 50.86
C UNK C 202 9.63 -36.45 52.22
N UNK C 203 10.41 -36.54 53.29
CA UNK C 203 9.86 -36.45 54.63
C UNK C 203 9.88 -34.99 55.03
N UNK C 204 8.76 -34.47 55.52
CA UNK C 204 8.71 -33.05 55.84
C UNK C 204 9.52 -32.50 56.99
N UNK C 205 10.04 -31.27 56.86
CA UNK C 205 10.67 -30.65 58.02
C UNK C 205 9.57 -30.34 59.04
N UNK C 206 9.68 -30.96 60.22
CA UNK C 206 8.66 -30.86 61.26
C UNK C 206 9.23 -30.08 62.44
N UNK C 207 8.55 -28.99 62.82
CA UNK C 207 8.89 -28.25 64.02
C UNK C 207 7.69 -28.28 64.96
N UNK C 208 7.95 -28.27 66.26
CA UNK C 208 6.86 -28.38 67.22
C UNK C 208 7.24 -27.68 68.51
N UNK C 209 6.22 -27.33 69.29
CA UNK C 209 6.45 -26.84 70.64
C UNK C 209 5.25 -27.16 71.53
N UNK C 210 5.50 -27.03 72.83
CA UNK C 210 4.54 -27.35 73.88
C UNK C 210 4.34 -26.14 74.78
N UNK C 211 3.16 -26.07 75.39
CA UNK C 211 2.85 -24.98 76.32
C UNK C 211 3.41 -25.27 77.71
N UNK D 1 17.31 15.22 35.44
CA UNK D 1 16.49 14.45 34.51
C UNK D 1 15.06 14.54 34.96
N UNK D 2 14.12 14.38 34.06
CA UNK D 2 12.73 14.54 34.42
C UNK D 2 12.41 13.54 35.50
N UNK D 3 11.81 13.99 36.58
CA UNK D 3 11.39 13.08 37.60
C UNK D 3 9.97 13.44 37.92
N UNK D 4 9.10 12.45 37.92
CA UNK D 4 7.71 12.71 38.16
C UNK D 4 7.29 12.08 39.49
N UNK D 5 6.71 12.87 40.40
CA UNK D 5 6.28 12.36 41.70
C UNK D 5 4.77 12.51 41.85
N UNK D 6 4.11 11.43 42.28
CA UNK D 6 2.66 11.43 42.51
C UNK D 6 2.37 11.64 43.99
N UNK D 7 1.55 12.63 44.30
CA UNK D 7 1.09 12.90 45.65
C UNK D 7 -0.42 12.76 45.69
N UNK D 8 -0.91 11.89 46.55
CA UNK D 8 -2.33 11.68 46.69
C UNK D 8 -2.67 11.07 48.04
N UNK D 9 -3.93 11.18 48.44
CA UNK D 9 -4.36 10.55 49.69
C UNK D 9 -4.26 9.03 49.59
N UNK D 10 -3.80 8.41 50.68
CA UNK D 10 -3.62 6.97 50.69
C UNK D 10 -4.93 6.21 50.62
N UNK D 11 -5.94 6.69 51.33
CA UNK D 11 -7.23 6.00 51.39
C UNK D 11 -8.36 7.00 51.30
N UNK D 12 -9.32 6.65 50.43
CA UNK D 12 -10.47 7.51 50.19
C UNK D 12 -11.68 6.62 50.32
N UNK D 13 -12.67 7.05 51.08
CA UNK D 13 -13.86 6.27 51.29
C UNK D 13 -14.67 6.22 50.01
N UNK D 14 -15.56 5.26 49.84
CA UNK D 14 -16.27 5.11 48.57
C UNK D 14 -17.17 6.25 48.16
N UNK D 15 -17.31 6.49 46.85
CA UNK D 15 -18.10 7.63 46.31
C UNK D 15 -17.48 9.00 46.54
N UNK D 16 -16.34 9.05 47.21
CA UNK D 16 -15.62 10.30 47.47
C UNK D 16 -14.70 10.62 46.28
N UNK D 17 -14.49 11.91 46.01
CA UNK D 17 -13.62 12.29 44.92
C UNK D 17 -12.16 12.01 45.25
N UNK D 18 -11.41 11.58 44.24
CA UNK D 18 -10.01 11.19 44.36
C UNK D 18 -9.18 12.03 43.42
N UNK D 19 -8.27 12.83 43.97
CA UNK D 19 -7.42 13.73 43.21
C UNK D 19 -5.95 13.44 43.52
N UNK D 20 -5.16 13.28 42.48
CA UNK D 20 -3.72 12.97 42.58
C UNK D 20 -2.92 14.00 41.80
N UNK D 21 -1.86 14.52 42.40
CA UNK D 21 -1.07 15.57 41.79
C UNK D 21 0.28 15.01 41.38
N UNK D 22 0.65 15.13 40.10
CA UNK D 22 1.97 14.71 39.66
C UNK D 22 2.84 15.93 39.41
N UNK D 23 3.96 15.99 40.11
CA UNK D 23 4.93 17.08 40.00
C UNK D 23 6.06 16.69 39.06
N UNK D 24 6.31 17.50 38.05
CA UNK D 24 7.33 17.17 37.09
C UNK D 24 8.43 18.15 37.34
N UNK D 25 9.45 17.73 38.06
CA UNK D 25 10.52 18.64 38.45
C UNK D 25 11.41 19.26 37.42
N UNK D 26 11.89 18.50 36.44
CA UNK D 26 12.85 19.09 35.52
C UNK D 26 12.25 19.79 34.32
N UNK D 27 11.61 19.03 33.46
CA UNK D 27 11.02 19.60 32.22
C UNK D 27 9.77 20.46 32.40
N UNK D 28 9.40 21.22 31.36
CA UNK D 28 8.21 22.00 31.45
C UNK D 28 7.08 21.21 30.84
N UNK D 29 5.99 21.04 31.58
CA UNK D 29 4.84 20.34 31.05
C UNK D 29 4.35 21.07 29.82
N UNK D 30 4.57 22.39 29.76
CA UNK D 30 4.16 23.21 28.62
C UNK D 30 4.98 23.01 27.36
N UNK D 31 6.26 22.78 27.51
CA UNK D 31 7.12 22.59 26.36
C UNK D 31 6.82 21.40 25.52
N UNK D 32 6.49 20.27 26.13
CA UNK D 32 6.33 19.07 25.33
C UNK D 32 5.74 17.86 25.95
N UNK D 33 5.62 16.80 25.17
CA UNK D 33 5.19 15.51 25.64
C UNK D 33 3.73 15.37 25.85
N UNK D 34 3.26 14.17 26.11
CA UNK D 34 1.88 13.99 26.43
C UNK D 34 2.01 13.37 27.78
N UNK D 35 1.37 13.93 28.79
CA UNK D 35 1.53 13.46 30.15
C UNK D 35 0.40 12.59 30.58
N UNK D 36 0.65 11.32 30.83
CA UNK D 36 -0.41 10.36 31.13
C UNK D 36 -0.66 10.01 32.56
N UNK D 37 -1.62 9.13 32.82
CA UNK D 37 -2.03 8.77 34.18
C UNK D 37 -2.40 7.30 34.26
N UNK D 38 -1.52 6.41 33.80
CA UNK D 38 -1.93 5.01 33.73
C UNK D 38 -2.03 4.45 35.16
N UNK D 39 -2.74 3.33 35.34
CA UNK D 39 -2.98 2.66 36.65
C UNK D 39 -2.68 1.18 36.62
N UNK D 40 -2.42 0.55 37.77
CA UNK D 40 -2.21 -0.90 37.83
C UNK D 40 -3.07 -1.47 38.88
N UNK D 41 -3.88 -2.44 38.53
CA UNK D 41 -4.77 -3.04 39.47
C UNK D 41 -4.11 -4.11 40.33
N UNK D 42 -4.73 -4.47 41.44
CA UNK D 42 -4.16 -5.47 42.36
C UNK D 42 -3.56 -6.74 41.73
N UNK D 43 -4.07 -7.23 40.61
CA UNK D 43 -3.44 -8.37 39.93
C UNK D 43 -2.41 -7.93 38.90
N UNK D 44 -1.61 -6.90 39.22
CA UNK D 44 -0.60 -6.44 38.32
C UNK D 44 -1.11 -6.30 36.88
N UNK D 45 -2.34 -5.83 36.69
CA UNK D 45 -2.89 -5.57 35.35
C UNK D 45 -2.84 -4.10 35.07
N UNK D 46 -2.10 -3.69 34.07
CA UNK D 46 -1.91 -2.28 33.71
C UNK D 46 -3.01 -1.81 32.78
N UNK D 47 -3.47 -0.58 33.00
CA UNK D 47 -4.53 0.02 32.20
C UNK D 47 -4.19 1.47 31.93
N UNK D 48 -4.12 1.84 30.66
CA UNK D 48 -4.02 3.23 30.28
C UNK D 48 -5.32 3.97 30.58
N UNK D 49 -5.19 5.21 31.08
CA UNK D 49 -6.36 6.01 31.51
C UNK D 49 -6.56 7.39 30.92
N UNK D 50 -5.51 8.17 30.73
CA UNK D 50 -5.63 9.54 30.24
C UNK D 50 -4.35 10.09 29.70
N UNK D 51 -4.36 11.25 29.04
CA UNK D 51 -3.13 11.90 28.52
C UNK D 51 -3.23 13.36 28.13
N UNK D 52 -2.94 14.31 29.01
CA UNK D 52 -3.11 15.71 28.65
C UNK D 52 -1.91 16.11 27.80
N UNK D 53 -2.17 16.78 26.68
CA UNK D 53 -1.08 17.26 25.86
C UNK D 53 -0.62 18.63 26.34
N UNK D 54 0.52 19.06 25.78
CA UNK D 54 1.05 20.39 26.08
C UNK D 54 0.11 21.50 25.61
N UNK D 55 -0.72 21.19 24.63
CA UNK D 55 -1.69 22.15 24.17
C UNK D 55 -2.88 21.99 25.08
N UNK D 56 -2.78 21.13 26.09
CA UNK D 56 -3.85 20.89 27.07
C UNK D 56 -5.06 20.16 26.58
N UNK D 57 -4.96 19.54 25.42
CA UNK D 57 -6.06 18.77 24.91
C UNK D 57 -5.93 17.48 25.64
N UNK D 58 -6.98 17.05 26.30
CA UNK D 58 -6.87 15.84 27.09
C UNK D 58 -7.77 14.75 26.51
N UNK D 59 -7.25 13.53 26.48
CA UNK D 59 -7.96 12.37 25.95
C UNK D 59 -8.09 11.32 27.03
N UNK D 60 -9.27 10.71 27.13
CA UNK D 60 -9.61 9.80 28.21
C UNK D 60 -9.96 8.42 27.66
N UNK D 61 -9.75 7.41 28.50
CA UNK D 61 -10.14 6.05 28.14
C UNK D 61 -11.66 5.91 28.28
N UNK D 62 -12.34 5.32 27.29
CA UNK D 62 -13.80 5.13 27.39
C UNK D 62 -14.22 4.18 28.51
N UNK D 63 -13.31 3.37 29.07
CA UNK D 63 -13.64 2.56 30.23
C UNK D 63 -14.02 3.43 31.42
N UNK D 64 -13.30 4.53 31.64
CA UNK D 64 -13.69 5.56 32.60
C UNK D 64 -14.64 6.50 31.87
N UNK D 65 -15.93 6.24 32.02
CA UNK D 65 -16.94 6.84 31.15
C UNK D 65 -17.05 8.34 31.37
N UNK D 66 -17.23 8.78 32.62
CA UNK D 66 -17.36 10.21 32.86
C UNK D 66 -16.68 10.71 34.13
N UNK D 67 -15.85 9.90 34.79
CA UNK D 67 -15.31 10.27 36.09
C UNK D 67 -13.91 10.86 36.01
N UNK D 68 -13.17 10.53 34.96
CA UNK D 68 -11.79 10.95 34.84
C UNK D 68 -11.71 12.32 34.17
N UNK D 69 -10.95 13.21 34.77
CA UNK D 69 -10.67 14.52 34.16
C UNK D 69 -9.28 14.96 34.58
N UNK D 70 -8.43 15.29 33.61
CA UNK D 70 -7.05 15.69 33.86
C UNK D 70 -6.97 17.20 33.87
N UNK D 71 -6.22 17.79 34.79
CA UNK D 71 -6.01 19.23 34.79
C UNK D 71 -4.52 19.54 34.85
N UNK D 72 -4.12 20.81 34.78
CA UNK D 72 -2.73 21.18 34.78
C UNK D 72 -2.50 22.46 35.54
N UNK D 73 -1.29 22.69 36.03
CA UNK D 73 -0.94 23.96 36.69
C UNK D 73 0.43 24.29 36.19
N UNK D 74 0.52 25.03 35.09
CA UNK D 74 1.79 25.33 34.46
C UNK D 74 2.72 26.06 35.43
N UNK D 75 2.16 26.93 36.27
CA UNK D 75 2.98 27.72 37.20
C UNK D 75 3.71 26.83 38.20
N UNK D 76 3.01 25.82 38.74
CA UNK D 76 3.64 24.88 39.64
C UNK D 76 4.29 23.70 38.91
N UNK D 77 4.11 23.65 37.59
CA UNK D 77 4.68 22.59 36.76
C UNK D 77 4.17 21.22 37.17
N UNK D 78 2.90 21.16 37.56
CA UNK D 78 2.29 19.92 38.00
C UNK D 78 1.05 19.64 37.21
N UNK D 79 0.64 18.38 37.15
CA UNK D 79 -0.54 17.98 36.40
C UNK D 79 -1.33 17.22 37.38
N UNK D 80 -2.64 17.33 37.32
CA UNK D 80 -3.48 16.67 38.27
C UNK D 80 -4.50 15.79 37.60
N UNK D 81 -4.83 14.67 38.21
CA UNK D 81 -5.89 13.83 37.67
C UNK D 81 -6.96 13.70 38.75
N UNK D 82 -8.20 14.00 38.41
CA UNK D 82 -9.29 13.90 39.36
C UNK D 82 -10.32 12.87 38.94
N UNK D 83 -10.69 12.01 39.87
CA UNK D 83 -11.68 10.98 39.61
C UNK D 83 -12.89 11.23 40.51
N UNK D 84 -14.08 11.32 39.90
CA UNK D 84 -15.30 11.56 40.64
C UNK D 84 -16.06 10.25 40.88
N UNK D 85 -16.72 10.16 42.03
CA UNK D 85 -17.58 9.02 42.39
C UNK D 85 -16.83 7.69 42.30
N UNK D 86 -15.82 7.54 43.16
CA UNK D 86 -14.98 6.34 43.10
C UNK D 86 -15.78 5.13 43.55
N UNK D 87 -15.40 3.97 43.04
CA UNK D 87 -16.04 2.71 43.40
C UNK D 87 -14.96 1.75 43.84
N UNK D 88 -15.38 0.60 44.36
CA UNK D 88 -14.46 -0.36 44.98
C UNK D 88 -13.41 -0.90 44.00
N UNK D 89 -13.66 -0.79 42.70
CA UNK D 89 -12.73 -1.25 41.69
C UNK D 89 -11.49 -0.35 41.55
N UNK D 90 -11.51 0.83 42.15
CA UNK D 90 -10.43 1.81 41.98
C UNK D 90 -9.32 1.69 43.02
N UNK D 91 -9.17 0.53 43.65
CA UNK D 91 -8.05 0.27 44.56
C UNK D 91 -6.86 -0.10 43.69
N UNK D 92 -6.04 0.88 43.33
CA UNK D 92 -5.01 0.65 42.32
C UNK D 92 -3.80 1.54 42.60
N UNK D 93 -2.74 1.35 41.82
CA UNK D 93 -1.53 2.16 41.91
C UNK D 93 -1.42 3.04 40.67
N UNK D 94 -1.26 4.34 40.88
CA UNK D 94 -1.35 5.31 39.80
C UNK D 94 0.04 5.83 39.47
N UNK D 95 0.39 5.77 38.18
CA UNK D 95 1.66 6.25 37.66
C UNK D 95 1.40 7.36 36.66
N UNK D 96 2.08 8.50 36.87
CA UNK D 96 2.09 9.60 35.92
C UNK D 96 3.35 9.51 35.07
N UNK D 97 3.18 9.55 33.75
CA UNK D 97 4.29 9.31 32.86
C UNK D 97 4.40 10.41 31.83
N UNK D 98 5.58 10.50 31.23
CA UNK D 98 5.88 11.45 30.17
C UNK D 98 6.12 10.69 28.87
N UNK D 99 5.43 11.09 27.81
CA UNK D 99 5.64 10.50 26.49
C UNK D 99 6.15 11.56 25.53
N UNK D 100 7.44 11.52 25.17
CA UNK D 100 7.97 12.51 24.24
C UNK D 100 8.15 12.03 22.79
N UNK D 101 8.08 10.72 22.54
CA UNK D 101 8.38 10.23 21.21
C UNK D 101 7.15 10.31 20.31
N UNK D 102 7.40 10.38 19.00
CA UNK D 102 6.30 10.21 18.04
C UNK D 102 5.71 8.80 18.11
N UNK D 103 6.48 7.83 18.60
CA UNK D 103 6.03 6.46 18.81
C UNK D 103 5.17 6.28 20.05
N UNK D 104 4.86 7.37 20.76
CA UNK D 104 3.98 7.38 21.93
C UNK D 104 4.48 6.45 23.05
N UNK D 105 5.78 6.51 23.32
CA UNK D 105 6.41 5.67 24.33
C UNK D 105 6.70 6.47 25.60
N UNK D 106 6.35 5.89 26.75
CA UNK D 106 6.45 6.55 28.05
C UNK D 106 7.85 6.30 28.60
N UNK D 107 8.78 7.21 28.29
CA UNK D 107 10.17 7.01 28.69
C UNK D 107 10.35 7.18 30.19
N UNK D 108 9.60 8.10 30.80
CA UNK D 108 9.72 8.39 32.22
C UNK D 108 8.43 8.05 32.96
N UNK D 109 8.58 7.34 34.08
CA UNK D 109 7.50 6.86 34.92
C UNK D 109 7.69 7.40 36.34
N UNK D 110 6.60 7.51 37.07
CA UNK D 110 6.73 7.87 38.47
C UNK D 110 6.91 6.64 39.32
N UNK D 111 7.08 6.83 40.63
CA UNK D 111 7.12 5.68 41.53
C UNK D 111 5.64 5.45 41.79
N UNK D 112 5.17 4.22 41.69
CA UNK D 112 3.75 3.97 41.83
C UNK D 112 3.21 4.33 43.21
N UNK D 113 2.04 4.97 43.24
CA UNK D 113 1.43 5.35 44.51
C UNK D 113 0.10 4.64 44.67
N UNK D 114 -0.08 3.95 45.79
CA UNK D 114 -1.31 3.16 45.98
C UNK D 114 -2.49 3.96 46.51
N UNK D 115 -3.65 3.80 45.88
CA UNK D 115 -4.82 4.46 46.34
C UNK D 115 -5.80 3.37 46.66
N UNK D 116 -6.17 3.21 47.91
CA UNK D 116 -7.15 2.23 48.33
C UNK D 116 -8.49 2.93 48.49
N UNK D 117 -9.55 2.30 47.96
CA UNK D 117 -10.91 2.81 48.12
C UNK D 117 -11.69 1.79 48.96
N UNK D 118 -12.11 2.19 50.14
CA UNK D 118 -12.80 1.28 51.04
C UNK D 118 -13.49 2.06 52.14
N UNK D 119 -14.46 1.41 52.77
CA UNK D 119 -15.20 1.97 53.90
C UNK D 119 -14.64 1.50 55.24
N UNK D 120 -13.71 0.56 55.24
CA UNK D 120 -13.12 0.05 56.48
C UNK D 120 -12.36 1.16 57.19
N UNK D 121 -12.57 1.25 58.50
CA UNK D 121 -11.95 2.30 59.28
C UNK D 121 -10.45 2.07 59.43
N UNK D 122 -9.70 3.17 59.43
CA UNK D 122 -8.25 3.12 59.63
C UNK D 122 -7.93 2.77 61.07
N UNK D 123 -7.12 1.72 61.27
CA UNK D 123 -6.76 1.30 62.62
C UNK D 123 -5.25 1.12 62.74
N UNK D 124 -4.66 1.43 63.90
CA UNK D 124 -3.21 1.28 64.05
C UNK D 124 -2.82 -0.17 64.16
N UNK D 125 -1.61 -0.54 63.69
CA UNK D 125 -1.17 -1.92 63.83
C UNK D 125 -0.76 -2.24 65.25
N UNK D 126 -0.90 -3.51 65.62
CA UNK D 126 -0.44 -4.05 66.89
C UNK D 126 0.72 -5.01 66.63
N UNK D 127 1.87 -4.73 67.24
CA UNK D 127 3.08 -5.49 67.02
C UNK D 127 3.29 -6.45 68.20
N UNK D 128 3.52 -7.71 67.86
CA UNK D 128 3.74 -8.78 68.80
C UNK D 128 5.12 -9.35 68.56
N UNK D 129 6.00 -9.34 69.55
CA UNK D 129 7.31 -9.96 69.39
C UNK D 129 7.19 -11.48 69.27
N UNK D 130 8.17 -12.09 68.61
CA UNK D 130 8.14 -13.53 68.39
C UNK D 130 9.51 -14.12 68.72
N UNK D 131 9.77 -14.39 70.00
CA UNK D 131 11.03 -14.99 70.43
C UNK D 131 11.14 -16.47 70.14
N UNK D 132 12.36 -16.98 70.16
CA UNK D 132 12.58 -18.36 69.80
C UNK D 132 11.91 -19.42 70.65
N UNK D 133 11.87 -19.22 71.96
CA UNK D 133 11.28 -20.19 72.88
C UNK D 133 12.02 -21.51 72.98
N UNK D 134 20.27 -23.12 66.92
CA UNK D 134 21.59 -23.64 67.22
C UNK D 134 22.68 -22.62 66.91
N UNK D 135 23.19 -22.69 65.69
CA UNK D 135 24.23 -21.75 65.24
C UNK D 135 23.71 -20.32 65.20
N UNK D 136 22.47 -20.14 64.74
CA UNK D 136 21.87 -18.82 64.62
C UNK D 136 20.45 -18.84 65.17
N UNK D 137 19.95 -17.66 65.53
CA UNK D 137 18.64 -17.53 66.11
C UNK D 137 17.81 -16.58 65.25
N UNK D 138 16.53 -16.89 65.08
CA UNK D 138 15.62 -16.12 64.26
C UNK D 138 14.60 -15.45 65.15
N UNK D 139 14.36 -14.18 64.92
CA UNK D 139 13.44 -13.47 65.75
C UNK D 139 12.48 -12.87 64.78
N UNK D 140 11.35 -12.38 65.27
CA UNK D 140 10.32 -11.90 64.38
C UNK D 140 9.37 -10.93 65.02
N UNK D 141 8.60 -10.24 64.19
CA UNK D 141 7.62 -9.34 64.70
C UNK D 141 6.37 -9.62 63.92
N UNK D 142 5.22 -9.72 64.57
CA UNK D 142 3.97 -9.85 63.85
C UNK D 142 3.16 -8.57 64.04
N UNK D 143 2.72 -7.97 62.95
CA UNK D 143 1.89 -6.77 63.04
C UNK D 143 0.51 -7.16 62.52
N UNK D 144 -0.53 -6.75 63.26
CA UNK D 144 -1.89 -7.19 62.96
C UNK D 144 -2.90 -6.09 63.21
N UNK D 145 -4.04 -6.24 62.54
CA UNK D 145 -5.21 -5.41 62.74
C UNK D 145 -5.06 -3.96 62.28
N UNK D 146 -4.29 -3.72 61.23
CA UNK D 146 -4.17 -2.39 60.64
C UNK D 146 -4.84 -2.38 59.27
N UNK D 147 -5.69 -1.39 59.04
CA UNK D 147 -6.29 -1.39 57.70
C UNK D 147 -5.47 -0.71 56.60
N UNK D 148 -5.00 0.54 56.68
CA UNK D 148 -4.35 1.12 55.48
C UNK D 148 -2.99 0.49 55.24
N UNK D 149 -2.77 0.12 53.98
CA UNK D 149 -1.74 -0.87 53.64
C UNK D 149 -0.30 -0.51 54.00
N UNK D 150 0.26 0.65 53.63
CA UNK D 150 1.72 0.80 53.76
C UNK D 150 2.15 0.88 55.21
N UNK D 151 3.03 -0.03 55.61
CA UNK D 151 3.63 -0.07 56.94
C UNK D 151 5.12 -0.28 56.78
N UNK D 152 5.92 0.59 57.40
CA UNK D 152 7.37 0.46 57.35
C UNK D 152 7.83 -0.36 58.55
N UNK D 153 8.42 -1.53 58.28
CA UNK D 153 8.96 -2.41 59.32
C UNK D 153 10.46 -2.46 59.13
N UNK D 154 11.20 -2.05 60.16
CA UNK D 154 12.65 -2.05 60.15
C UNK D 154 13.19 -2.66 61.44
N UNK D 155 14.38 -3.25 61.36
CA UNK D 155 15.00 -3.90 62.50
C UNK D 155 16.18 -3.08 62.99
N UNK D 156 16.22 -2.86 64.31
CA UNK D 156 17.27 -2.07 64.94
C UNK D 156 17.46 -0.73 64.30
N UNK D 157 16.37 -0.03 64.02
CA UNK D 157 16.43 1.29 63.40
C UNK D 157 17.26 1.24 62.14
N UNK D 158 17.07 0.20 61.34
CA UNK D 158 17.81 0.02 60.09
C UNK D 158 19.28 -0.35 60.24
N UNK D 159 19.67 -0.84 61.40
CA UNK D 159 21.04 -1.31 61.58
C UNK D 159 21.16 -2.81 61.27
N UNK D 160 20.05 -3.48 60.96
CA UNK D 160 20.13 -4.88 60.57
C UNK D 160 19.54 -5.11 59.20
N UNK D 161 20.32 -4.91 58.15
CA UNK D 161 19.89 -5.14 56.79
C UNK D 161 20.33 -6.49 56.24
N UNK D 162 20.93 -7.33 57.08
CA UNK D 162 21.44 -8.63 56.67
C UNK D 162 20.48 -9.72 57.12
N UNK D 163 20.01 -10.53 56.16
CA UNK D 163 19.15 -11.66 56.47
C UNK D 163 17.81 -11.28 57.07
N UNK D 164 17.20 -10.22 56.58
CA UNK D 164 15.89 -9.78 57.05
C UNK D 164 14.89 -9.92 55.92
N UNK D 165 13.77 -10.58 56.21
CA UNK D 165 12.69 -10.78 55.26
C UNK D 165 11.43 -10.11 55.80
N UNK D 166 10.93 -9.11 55.08
CA UNK D 166 9.66 -8.47 55.37
C UNK D 166 8.63 -9.08 54.44
N UNK D 167 7.88 -10.04 54.94
CA UNK D 167 6.91 -10.75 54.12
C UNK D 167 5.74 -9.84 53.79
N UNK D 168 5.30 -9.83 52.53
CA UNK D 168 4.22 -8.93 52.12
C UNK D 168 2.93 -9.22 52.88
N UNK D 169 2.25 -8.15 53.27
CA UNK D 169 1.05 -8.28 54.10
C UNK D 169 -0.09 -8.89 53.30
N UNK D 170 -0.84 -9.78 53.96
CA UNK D 170 -2.03 -10.39 53.38
C UNK D 170 -3.24 -9.79 54.09
N UNK D 171 -4.29 -9.51 53.32
CA UNK D 171 -5.50 -8.85 53.80
C UNK D 171 -6.62 -9.87 53.90
N UNK D 172 -7.16 -10.03 55.09
CA UNK D 172 -8.38 -10.79 55.28
C UNK D 172 -9.24 -10.06 56.31
N UNK D 173 -10.56 -10.19 56.14
CA UNK D 173 -11.58 -9.63 57.05
C UNK D 173 -11.34 -8.14 57.29
N UNK D 174 -11.03 -7.43 56.20
CA UNK D 174 -10.78 -5.99 56.18
C UNK D 174 -9.59 -5.57 57.05
N UNK D 175 -8.64 -6.47 57.33
CA UNK D 175 -7.43 -6.10 58.04
C UNK D 175 -6.23 -6.76 57.39
N UNK D 176 -5.09 -6.07 57.44
CA UNK D 176 -3.83 -6.53 56.87
C UNK D 176 -2.94 -7.06 57.98
N UNK D 177 -2.21 -8.13 57.69
CA UNK D 177 -1.18 -8.60 58.60
C UNK D 177 0.13 -8.80 57.84
N UNK D 178 1.21 -8.31 58.43
CA UNK D 178 2.55 -8.41 57.87
C UNK D 178 3.43 -9.10 58.90
N UNK D 179 4.36 -9.94 58.50
CA UNK D 179 5.31 -10.52 59.46
C UNK D 179 6.73 -10.25 59.02
N UNK D 180 7.66 -10.04 59.95
CA UNK D 180 9.07 -9.85 59.59
C UNK D 180 9.98 -10.78 60.33
N UNK D 181 10.90 -11.42 59.61
CA UNK D 181 11.85 -12.32 60.25
C UNK D 181 13.26 -11.95 59.97
N UNK D 182 14.08 -11.98 61.00
CA UNK D 182 15.49 -11.68 60.86
C UNK D 182 16.30 -12.77 61.57
N UNK D 183 17.37 -13.22 60.92
CA UNK D 183 18.27 -14.21 61.47
C UNK D 183 19.56 -13.53 61.92
N UNK D 184 19.94 -13.74 63.18
CA UNK D 184 21.13 -13.11 63.73
C UNK D 184 21.97 -14.20 64.40
N UNK D 185 23.27 -13.94 64.59
CA UNK D 185 24.11 -14.91 65.32
C UNK D 185 23.59 -15.18 66.72
N UNK D 186 23.81 -16.41 67.17
CA UNK D 186 23.26 -16.86 68.45
C UNK D 186 23.83 -16.08 69.61
N UNK D 187 25.11 -15.70 69.52
CA UNK D 187 25.71 -14.92 70.59
C UNK D 187 25.11 -13.52 70.67
N UNK D 188 24.73 -12.95 69.53
CA UNK D 188 24.41 -11.53 69.49
C UNK D 188 23.05 -11.23 70.11
N UNK D 189 22.04 -12.08 69.86
CA UNK D 189 20.68 -11.70 70.28
C UNK D 189 20.50 -11.55 71.79
N UNK D 190 20.86 -12.52 72.65
CA UNK D 190 20.68 -12.25 74.09
C UNK D 190 21.52 -11.10 74.61
N UNK D 191 22.78 -10.99 74.18
CA UNK D 191 23.67 -9.98 74.72
C UNK D 191 23.31 -8.58 74.23
N UNK D 192 23.06 -8.42 72.94
CA UNK D 192 22.71 -7.12 72.38
C UNK D 192 21.19 -6.90 72.45
N UNK D 193 20.76 -5.73 72.02
CA UNK D 193 19.35 -5.37 72.04
C UNK D 193 18.84 -5.30 70.60
N UNK D 194 17.82 -6.12 70.32
CA UNK D 194 17.15 -6.13 69.02
C UNK D 194 15.75 -5.54 69.21
N UNK D 195 15.42 -4.53 68.42
CA UNK D 195 14.14 -3.84 68.61
C UNK D 195 13.40 -3.78 67.27
N UNK D 196 12.19 -4.32 67.21
CA UNK D 196 11.42 -4.19 65.97
C UNK D 196 10.78 -2.81 65.96
N UNK D 197 10.87 -2.14 64.81
CA UNK D 197 10.32 -0.82 64.61
C UNK D 197 9.24 -0.91 63.56
N UNK D 198 8.06 -0.42 63.92
CA UNK D 198 6.90 -0.47 63.06
C UNK D 198 6.31 0.94 62.99
N UNK D 199 6.27 1.50 61.78
CA UNK D 199 5.74 2.83 61.55
C UNK D 199 4.55 2.75 60.60
N UNK D 200 3.43 3.31 61.03
CA UNK D 200 2.23 3.42 60.23
C UNK D 200 2.05 4.89 59.86
N UNK D 201 2.28 5.27 58.60
CA UNK D 201 2.10 6.67 58.21
C UNK D 201 0.65 7.11 58.22
N UNK D 202 -0.28 6.22 57.86
CA UNK D 202 -1.68 6.60 57.76
C UNK D 202 -2.29 6.88 59.13
N UNK D 203 -2.00 6.02 60.12
CA UNK D 203 -2.41 6.30 61.48
C UNK D 203 -1.41 7.16 62.23
N UNK D 204 -0.24 7.41 61.64
CA UNK D 204 0.85 8.19 62.23
C UNK D 204 1.25 7.64 63.59
N UNK D 205 1.44 6.31 63.65
CA UNK D 205 1.80 5.69 64.91
C UNK D 205 3.08 4.88 64.75
N UNK D 206 3.98 5.00 65.71
CA UNK D 206 5.26 4.32 65.67
C UNK D 206 5.44 3.53 66.96
N UNK D 207 5.88 2.29 66.84
CA UNK D 207 6.01 1.43 68.00
C UNK D 207 7.27 0.59 67.88
N UNK D 208 8.00 0.49 68.98
CA UNK D 208 9.23 -0.29 69.09
C UNK D 208 8.98 -1.41 70.08
N UNK D 209 9.27 -2.65 69.66
CA UNK D 209 9.07 -3.83 70.49
C UNK D 209 10.38 -4.61 70.56
N UNK D 210 11.00 -4.58 71.74
CA UNK D 210 12.26 -5.26 71.94
C UNK D 210 11.99 -6.73 72.25
N UNK D 211 12.71 -7.62 71.56
CA UNK D 211 12.48 -9.04 71.72
C UNK D 211 13.08 -9.52 73.03
N UNK D 212 12.31 -10.28 73.80
CA UNK D 212 12.72 -10.80 75.10
C UNK D 212 12.64 -12.32 75.03
N UNK D 213 13.68 -13.05 75.46
CA UNK D 213 13.63 -14.52 75.44
C UNK D 213 12.50 -15.07 76.31
N UNK D 214 11.81 -16.07 75.78
CA UNK D 214 10.69 -16.70 76.48
C UNK D 214 10.36 -18.05 75.85
N GLN E 289 -19.38 -28.38 60.12
CA GLN E 289 -20.64 -28.27 59.40
C GLN E 289 -20.54 -27.28 58.25
N VAL E 290 -19.82 -27.65 57.20
CA VAL E 290 -19.62 -26.80 56.03
C VAL E 290 -20.30 -27.45 54.83
N GLN E 291 -21.17 -26.69 54.17
CA GLN E 291 -21.93 -27.19 53.03
C GLN E 291 -21.72 -26.24 51.85
N LEU E 292 -21.04 -26.74 50.81
CA LEU E 292 -20.84 -26.00 49.57
C LEU E 292 -21.48 -26.82 48.45
N VAL E 293 -22.54 -26.30 47.86
CA VAL E 293 -23.26 -26.98 46.79
C VAL E 293 -23.04 -26.22 45.49
N GLU E 294 -22.72 -26.93 44.44
CA GLU E 294 -22.38 -26.34 43.16
C GLU E 294 -23.55 -26.49 42.19
N SER E 295 -23.77 -25.46 41.37
CA SER E 295 -24.83 -25.48 40.38
C SER E 295 -24.42 -24.59 39.21
N GLY E 296 -25.18 -24.71 38.12
CA GLY E 296 -24.97 -23.88 36.95
C GLY E 296 -24.00 -24.42 35.92
N GLY E 297 -23.43 -25.60 36.13
CA GLY E 297 -22.52 -26.21 35.18
C GLY E 297 -23.24 -27.25 34.32
N GLY E 298 -22.94 -27.23 33.03
CA GLY E 298 -23.59 -28.13 32.11
C GLY E 298 -22.83 -28.25 30.80
N TRP E 299 -23.43 -29.01 29.88
CA TRP E 299 -22.85 -29.22 28.57
C TRP E 299 -22.85 -27.93 27.76
N VAL E 300 -21.74 -27.65 27.08
CA VAL E 300 -21.59 -26.42 26.32
C VAL E 300 -20.70 -26.68 25.11
N GLN E 301 -21.00 -25.99 24.01
CA GLN E 301 -20.19 -26.05 22.79
C GLN E 301 -18.88 -25.26 22.99
N PRO E 302 -17.82 -25.59 22.26
CA PRO E 302 -16.62 -24.76 22.30
C PRO E 302 -16.85 -23.35 21.78
N GLY E 303 -16.06 -22.43 22.30
CA GLY E 303 -16.27 -21.02 22.04
C GLY E 303 -17.39 -20.42 22.85
N GLY E 304 -17.96 -21.15 23.81
CA GLY E 304 -19.09 -20.69 24.57
C GLY E 304 -18.68 -19.94 25.83
N SER E 305 -19.61 -19.95 26.81
CA SER E 305 -19.37 -19.29 28.10
C SER E 305 -20.32 -19.78 29.20
N LEU E 306 -19.80 -20.46 30.20
CA LEU E 306 -20.62 -20.97 31.29
C LEU E 306 -20.24 -20.26 32.59
N ARG E 307 -21.14 -20.22 33.56
CA ARG E 307 -20.87 -19.58 34.85
C ARG E 307 -21.24 -20.57 35.93
N LEU E 308 -20.58 -20.48 37.09
CA LEU E 308 -20.83 -21.42 38.18
C LEU E 308 -21.20 -20.67 39.44
N SER E 309 -21.93 -21.33 40.33
CA SER E 309 -22.31 -20.69 41.58
C SER E 309 -22.21 -21.67 42.75
N CYS E 310 -21.37 -21.35 43.72
CA CYS E 310 -21.28 -22.21 44.86
C CYS E 310 -22.17 -21.63 45.92
N ALA E 311 -23.19 -22.35 46.34
CA ALA E 311 -23.99 -21.86 47.43
C ALA E 311 -23.30 -22.34 48.65
N ALA E 312 -22.95 -21.43 49.52
CA ALA E 312 -22.18 -21.76 50.71
C ALA E 312 -23.01 -21.54 51.96
N SER E 313 -22.92 -22.45 52.91
CA SER E 313 -23.60 -22.29 54.18
C SER E 313 -22.91 -23.11 55.27
N GLY E 314 -23.14 -22.71 56.52
CA GLY E 314 -22.68 -23.44 57.68
C GLY E 314 -21.44 -22.90 58.35
N PHE E 315 -20.90 -21.77 57.91
CA PHE E 315 -19.65 -21.26 58.43
C PHE E 315 -19.57 -19.76 58.13
N THR E 316 -18.52 -19.12 58.62
CA THR E 316 -18.28 -17.72 58.36
C THR E 316 -17.77 -17.58 56.93
N PHE E 317 -18.70 -17.29 56.01
CA PHE E 317 -18.33 -17.14 54.60
C PHE E 317 -17.45 -15.93 54.38
N SER E 318 -17.68 -14.86 55.15
CA SER E 318 -17.02 -13.59 54.89
C SER E 318 -15.52 -13.67 55.12
N ASP E 319 -15.07 -14.45 56.11
CA ASP E 319 -13.69 -14.38 56.58
C ASP E 319 -12.88 -15.63 56.26
N THR E 320 -13.17 -16.31 55.15
CA THR E 320 -12.37 -17.44 54.67
C THR E 320 -12.11 -17.27 53.17
N ALA E 321 -10.87 -17.49 52.75
CA ALA E 321 -10.55 -17.41 51.34
C ALA E 321 -11.12 -18.61 50.59
N MET E 322 -11.60 -18.42 49.37
CA MET E 322 -12.27 -19.50 48.66
C MET E 322 -11.58 -19.89 47.38
N MET E 323 -11.72 -21.13 46.96
CA MET E 323 -11.00 -21.58 45.80
C MET E 323 -11.78 -22.42 44.84
N TRP E 324 -11.47 -22.31 43.56
CA TRP E 324 -12.09 -23.18 42.58
C TRP E 324 -11.11 -24.25 42.15
N VAL E 325 -11.56 -25.45 42.00
CA VAL E 325 -10.75 -26.63 41.68
C VAL E 325 -11.44 -27.38 40.55
N ARG E 326 -10.66 -27.98 39.65
CA ARG E 326 -11.23 -28.89 38.66
C ARG E 326 -10.44 -30.18 38.60
N GLN E 327 -11.16 -31.26 38.30
CA GLN E 327 -10.55 -32.57 38.10
C GLN E 327 -11.24 -33.24 36.92
N ALA E 328 -10.44 -33.77 36.02
CA ALA E 328 -10.87 -34.52 34.84
C ALA E 328 -10.77 -36.01 35.11
N PRO E 329 -11.39 -36.86 34.29
CA PRO E 329 -11.20 -38.31 34.47
C PRO E 329 -9.77 -38.73 34.19
N GLY E 330 -9.23 -39.58 35.06
CA GLY E 330 -7.87 -40.06 34.92
C GLY E 330 -6.83 -38.97 35.03
N LYS E 331 -7.01 -38.03 35.95
CA LYS E 331 -6.11 -36.90 36.08
C LYS E 331 -6.03 -36.51 37.55
N GLY E 332 -4.93 -35.86 37.91
CA GLY E 332 -4.82 -35.30 39.23
C GLY E 332 -5.71 -34.08 39.41
N ARG E 333 -5.90 -33.69 40.67
CA ARG E 333 -6.62 -32.46 40.96
C ARG E 333 -5.84 -31.28 40.41
N GLU E 334 -6.52 -30.44 39.62
CA GLU E 334 -5.93 -29.19 39.22
C GLU E 334 -6.39 -28.11 40.19
N TRP E 335 -6.01 -26.87 39.92
CA TRP E 335 -6.43 -25.73 40.72
C TRP E 335 -6.76 -24.62 39.75
N VAL E 336 -7.97 -24.09 39.82
CA VAL E 336 -8.45 -23.18 38.78
C VAL E 336 -8.29 -21.73 39.22
N ALA E 337 -8.99 -21.35 40.29
CA ALA E 337 -9.04 -19.95 40.66
C ALA E 337 -9.03 -19.81 42.18
N ALA E 338 -8.77 -18.60 42.65
CA ALA E 338 -8.75 -18.33 44.08
C ALA E 338 -9.12 -16.88 44.33
N ILE E 339 -9.82 -16.64 45.43
CA ILE E 339 -10.23 -15.29 45.79
C ILE E 339 -10.07 -15.12 47.29
N ASP E 340 -9.64 -13.92 47.70
CA ASP E 340 -9.53 -13.58 49.09
C ASP E 340 -10.90 -13.22 49.66
N THR E 341 -10.93 -13.09 50.99
CA THR E 341 -12.17 -12.82 51.71
C THR E 341 -12.79 -11.49 51.28
N GLY E 342 -11.97 -10.47 51.12
CA GLY E 342 -12.48 -9.20 50.63
C GLY E 342 -13.02 -9.28 49.21
N GLY E 343 -12.41 -10.14 48.40
CA GLY E 343 -12.72 -10.20 46.99
C GLY E 343 -11.87 -9.29 46.13
N GLY E 344 -11.04 -8.43 46.73
CA GLY E 344 -10.21 -7.53 45.95
C GLY E 344 -9.13 -8.23 45.17
N TYR E 345 -8.54 -9.28 45.75
CA TYR E 345 -7.43 -9.99 45.14
C TYR E 345 -7.92 -11.30 44.53
N THR E 346 -7.52 -11.56 43.29
CA THR E 346 -7.91 -12.75 42.56
C THR E 346 -6.67 -13.40 41.95
N TYR E 347 -6.60 -14.72 42.03
CA TYR E 347 -5.49 -15.49 41.48
C TYR E 347 -6.02 -16.59 40.59
N TYR E 348 -5.23 -16.94 39.56
CA TYR E 348 -5.63 -17.94 38.59
C TYR E 348 -4.44 -18.82 38.24
N ALA E 349 -4.74 -19.99 37.68
CA ALA E 349 -3.69 -20.87 37.17
C ALA E 349 -3.20 -20.37 35.82
N ASP E 350 -2.16 -21.04 35.31
CA ASP E 350 -1.58 -20.66 34.03
C ASP E 350 -2.54 -20.92 32.88
N SER E 351 -3.28 -22.04 32.94
CA SER E 351 -4.16 -22.40 31.83
C SER E 351 -5.37 -21.49 31.75
N VAL E 352 -5.98 -21.17 32.90
CA VAL E 352 -7.28 -20.51 32.93
C VAL E 352 -7.19 -19.00 33.07
N LYS E 353 -6.00 -18.44 33.28
CA LYS E 353 -5.84 -17.00 33.33
C LYS E 353 -6.14 -16.37 31.97
N GLY E 354 -6.81 -15.23 31.99
CA GLY E 354 -7.18 -14.52 30.79
C GLY E 354 -8.53 -14.91 30.23
N ARG E 355 -9.08 -16.04 30.65
CA ARG E 355 -10.40 -16.49 30.24
C ARG E 355 -11.35 -16.72 31.40
N PHE E 356 -10.89 -17.35 32.48
CA PHE E 356 -11.77 -17.66 33.60
C PHE E 356 -11.79 -16.48 34.56
N THR E 357 -12.98 -16.05 34.97
CA THR E 357 -13.10 -14.95 35.93
C THR E 357 -13.77 -15.44 37.21
N ILE E 358 -13.16 -15.19 38.36
CA ILE E 358 -13.70 -15.63 39.65
C ILE E 358 -14.27 -14.41 40.38
N SER E 359 -15.47 -14.56 40.92
CA SER E 359 -16.15 -13.52 41.67
C SER E 359 -16.73 -14.10 42.96
N ARG E 360 -16.88 -13.23 43.95
CA ARG E 360 -17.37 -13.62 45.28
C ARG E 360 -18.40 -12.62 45.76
N ASP E 361 -19.55 -13.14 46.22
CA ASP E 361 -20.64 -12.35 46.77
C ASP E 361 -20.73 -12.67 48.26
N ASN E 362 -20.27 -11.74 49.09
CA ASN E 362 -20.19 -11.97 50.54
C ASN E 362 -21.58 -11.96 51.17
N ALA E 363 -22.47 -11.09 50.68
CA ALA E 363 -23.80 -10.97 51.28
C ALA E 363 -24.63 -12.23 51.08
N LYS E 364 -24.71 -12.71 49.84
CA LYS E 364 -25.50 -13.90 49.52
C LYS E 364 -24.77 -15.19 49.82
N ASN E 365 -23.53 -15.11 50.31
CA ASN E 365 -22.67 -16.27 50.61
C ASN E 365 -22.48 -17.15 49.39
N THR E 366 -22.08 -16.57 48.26
CA THR E 366 -21.93 -17.36 47.03
C THR E 366 -20.65 -17.06 46.32
N LEU E 367 -20.02 -18.06 45.74
CA LEU E 367 -18.76 -17.90 45.06
C LEU E 367 -19.11 -18.21 43.66
N TYR E 368 -18.43 -17.59 42.71
CA TYR E 368 -18.78 -17.78 41.33
C TYR E 368 -17.60 -18.03 40.43
N LEU E 369 -17.82 -18.59 39.25
CA LEU E 369 -16.76 -18.79 38.27
C LEU E 369 -17.31 -18.68 36.87
N GLN E 370 -16.95 -17.65 36.14
CA GLN E 370 -17.39 -17.41 34.79
C GLN E 370 -16.29 -17.88 33.84
N MET E 371 -16.46 -19.12 33.42
CA MET E 371 -15.75 -19.65 32.28
C MET E 371 -16.10 -18.90 31.01
N ASN E 372 -15.06 -18.42 30.34
CA ASN E 372 -15.14 -17.77 29.04
C ASN E 372 -14.17 -18.45 28.09
N SER E 373 -14.52 -18.42 26.80
CA SER E 373 -13.72 -18.99 25.72
C SER E 373 -13.36 -20.45 26.01
N LEU E 374 -14.40 -21.23 26.32
CA LEU E 374 -14.21 -22.61 26.73
C LEU E 374 -13.52 -23.42 25.65
N LYS E 375 -12.60 -24.29 26.06
CA LYS E 375 -11.75 -25.04 25.15
C LYS E 375 -12.05 -26.52 25.36
N PRO E 376 -11.70 -27.39 24.39
CA PRO E 376 -11.86 -28.85 24.64
C PRO E 376 -11.07 -29.37 25.83
N GLU E 377 -9.93 -28.77 26.15
CA GLU E 377 -9.15 -29.22 27.30
C GLU E 377 -9.90 -29.02 28.61
N ASP E 378 -10.75 -27.99 28.66
CA ASP E 378 -11.37 -27.53 29.90
C ASP E 378 -12.43 -28.47 30.45
N THR E 379 -12.84 -29.52 29.71
CA THR E 379 -13.91 -30.38 30.22
C THR E 379 -13.45 -31.13 31.45
N ALA E 380 -14.16 -30.92 32.56
CA ALA E 380 -13.80 -31.46 33.87
C ALA E 380 -14.98 -31.26 34.80
N ARG E 381 -14.83 -31.80 36.01
CA ARG E 381 -15.73 -31.55 37.13
C ARG E 381 -15.13 -30.46 38.01
N TYR E 382 -15.99 -29.54 38.48
CA TYR E 382 -15.56 -28.35 39.20
C TYR E 382 -16.09 -28.39 40.62
N TYR E 383 -15.20 -28.13 41.58
CA TYR E 383 -15.50 -28.09 42.99
C TYR E 383 -15.16 -26.71 43.52
N CYS E 384 -15.99 -26.20 44.42
CA CYS E 384 -15.68 -24.98 45.16
C CYS E 384 -15.34 -25.37 46.58
N ALA E 385 -14.21 -24.88 47.08
CA ALA E 385 -13.77 -25.24 48.42
C ALA E 385 -12.99 -24.09 49.04
N LYS E 386 -12.92 -24.13 50.37
CA LYS E 386 -12.18 -23.13 51.13
C LYS E 386 -10.69 -23.37 51.02
N THR E 387 -9.92 -22.34 51.35
CA THR E 387 -8.46 -22.43 51.34
C THR E 387 -7.92 -21.33 52.24
N TYR E 388 -6.60 -21.34 52.42
CA TYR E 388 -5.96 -20.30 53.20
C TYR E 388 -6.01 -18.97 52.46
N SER E 389 -5.85 -17.89 53.22
CA SER E 389 -5.73 -16.53 52.67
C SER E 389 -4.24 -16.28 52.43
N GLY E 390 -3.82 -16.25 51.18
CA GLY E 390 -2.42 -16.08 50.91
C GLY E 390 -2.00 -15.11 49.87
N ASN E 391 -0.81 -15.28 49.37
CA ASN E 391 -0.24 -14.36 48.44
C ASN E 391 0.16 -15.18 47.27
N TYR E 392 0.29 -16.48 47.47
CA TYR E 392 0.58 -17.28 46.29
C TYR E 392 -0.19 -18.60 46.37
N TYR E 393 -0.68 -19.05 45.22
CA TYR E 393 -1.43 -20.30 45.16
C TYR E 393 -0.94 -21.17 44.02
N SER E 394 -0.88 -22.47 44.30
CA SER E 394 -0.40 -23.47 43.35
C SER E 394 -1.00 -24.81 43.73
N ASN E 395 -0.88 -25.79 42.82
CA ASN E 395 -1.40 -27.13 43.08
C ASN E 395 -0.71 -27.77 44.28
N TYR E 396 0.60 -27.57 44.40
CA TYR E 396 1.36 -28.12 45.51
C TYR E 396 0.91 -27.54 46.85
N THR E 397 0.64 -26.24 46.86
CA THR E 397 0.25 -25.53 48.08
C THR E 397 -1.14 -25.80 48.58
N VAL E 398 -2.03 -26.17 47.69
CA VAL E 398 -3.40 -26.44 48.07
C VAL E 398 -3.67 -27.95 48.07
N ALA E 399 -2.65 -28.76 47.84
CA ALA E 399 -2.83 -30.21 47.77
C ALA E 399 -3.56 -30.76 48.99
N ASN E 400 -3.27 -30.22 50.17
CA ASN E 400 -3.89 -30.74 51.39
C ASN E 400 -5.38 -30.39 51.49
N TYR E 401 -5.79 -29.24 50.96
CA TYR E 401 -7.15 -28.75 51.12
C TYR E 401 -8.12 -29.54 50.26
N GLY E 402 -8.89 -30.43 50.88
CA GLY E 402 -9.88 -31.19 50.14
C GLY E 402 -11.21 -30.48 49.99
N THR E 403 -12.08 -31.08 49.17
CA THR E 403 -13.39 -30.54 48.84
C THR E 403 -14.49 -31.45 49.39
N THR E 404 -15.52 -30.84 49.98
CA THR E 404 -16.67 -31.60 50.48
C THR E 404 -17.86 -31.55 49.54
N GLY E 405 -17.84 -30.66 48.56
CA GLY E 405 -18.96 -30.54 47.66
C GLY E 405 -19.00 -31.62 46.61
N ARG E 406 -20.09 -31.63 45.86
CA ARG E 406 -20.26 -32.60 44.79
C ARG E 406 -19.81 -32.06 43.43
N GLY E 407 -19.72 -30.74 43.27
CA GLY E 407 -19.24 -30.16 42.03
C GLY E 407 -20.30 -30.08 40.94
N THR E 408 -19.91 -29.41 39.86
CA THR E 408 -20.66 -29.37 38.62
C THR E 408 -19.80 -29.93 37.51
N LEU E 409 -20.37 -30.82 36.71
CA LEU E 409 -19.69 -31.34 35.54
C LEU E 409 -19.83 -30.32 34.40
N VAL E 410 -18.71 -29.81 33.92
CA VAL E 410 -18.67 -28.90 32.81
C VAL E 410 -17.97 -29.61 31.66
N THR E 411 -18.69 -29.81 30.56
CA THR E 411 -18.17 -30.49 29.40
C THR E 411 -18.24 -29.57 28.19
N VAL E 412 -17.07 -29.38 27.57
CA VAL E 412 -16.91 -28.67 26.31
C VAL E 412 -16.50 -29.71 25.28
N SER E 413 -17.28 -29.87 24.22
CA SER E 413 -17.11 -31.02 23.31
C SER E 413 -17.81 -30.73 21.98
N SER E 414 -17.52 -31.56 20.97
CA SER E 414 -18.07 -31.37 19.63
C SER E 414 -19.57 -31.58 19.61
#